data_6IBK
#
_entry.id   6IBK
#
_cell.length_a   90.570
_cell.length_b   90.570
_cell.length_c   216.460
_cell.angle_alpha   90.00
_cell.angle_beta   90.00
_cell.angle_gamma   120.00
#
_symmetry.space_group_name_H-M   'P 32 2 1'
#
loop_
_entity.id
_entity.type
_entity.pdbx_description
1 polymer 'Alpha-galactosidase A'
2 branched alpha-D-mannopyranose-(1-3)-beta-D-mannopyranose-(1-4)-2-acetamido-2-deoxy-beta-D-glucopyranose-(1-4)-2-acetamido-2-deoxy-beta-D-glucopyranose
3 branched beta-D-mannopyranose-(1-4)-2-acetamido-2-deoxy-beta-D-glucopyranose-(1-4)-2-acetamido-2-deoxy-beta-D-glucopyranose
4 branched 2-acetamido-2-deoxy-beta-D-glucopyranose-(1-4)-2-acetamido-2-deoxy-beta-D-glucopyranose
5 branched alpha-D-mannopyranose-(1-3)-[alpha-D-mannopyranose-(1-6)]beta-D-mannopyranose-(1-4)-2-acetamido-2-deoxy-beta-D-glucopyranose-(1-4)-2-acetamido-2-deoxy-beta-D-glucopyranose
6 non-polymer 'ACETATE ION'
7 non-polymer 'SULFATE ION'
8 non-polymer 1,2-ETHANEDIOL
9 non-polymer (3~{a}~{R},4~{S},5~{S},6~{S},7~{R},7~{a}~{S})-7-(hydroxymethyl)-2,2-bis(oxidanylidene)-3~{a},4,5,6,7,7~{a}-hexahydro-3~{H}-benzo[d][1,2,3]oxathiazole-4,5,6-triol
10 non-polymer DI(HYDROXYETHYL)ETHER
11 non-polymer 2-acetamido-2-deoxy-beta-D-glucopyranose
12 water water
#
_entity_poly.entity_id   1
_entity_poly.type   'polypeptide(L)'
_entity_poly.pdbx_seq_one_letter_code
;LDNGLARTPTMGWLHWERFMCNLDCQEEPDSCISEKLFMEMAELMVSEGWKDAGYEYLCIDDCWMAPQRDSEGRLQADPQ
RFPHGIRQLANYVHSKGLKLGIYADVGNKTCAGFPGSFGYYDIDAQTFADWGVDLLKFDGCYCDSLENLADGYKHMSLAL
NRTGRSIVYSCEWPLYMWPFQKPNYTEIRQYCNHWRNFADIDDSWKSIKSILDWTSFNQERIVDVAGPGGWNDPDMLVIG
NFGLSWNQQVTQMALWAIMAAPLFMSNDLRHISPQAKALLQDKDVIAINQDPLGKQGYQLRQGDNFEVWERPLSGLAWAV
AMINRQEIGGPRSYTIAVASLGKGVACNPACFITQLLPVKRKLGFYEWTSRLRSHINPTGTVLLQLENTMQMSLKDLL
;
_entity_poly.pdbx_strand_id   A,B
#
loop_
_chem_comp.id
_chem_comp.type
_chem_comp.name
_chem_comp.formula
ACT non-polymer 'ACETATE ION' 'C2 H3 O2 -1'
BMA D-saccharide, beta linking beta-D-mannopyranose 'C6 H12 O6'
EDO non-polymer 1,2-ETHANEDIOL 'C2 H6 O2'
MAN D-saccharide, alpha linking alpha-D-mannopyranose 'C6 H12 O6'
NAG D-saccharide, beta linking 2-acetamido-2-deoxy-beta-D-glucopyranose 'C8 H15 N O6'
PEG non-polymer DI(HYDROXYETHYL)ETHER 'C4 H10 O3'
SO4 non-polymer 'SULFATE ION' 'O4 S -2'
YTW non-polymer (3~{a}~{R},4~{S},5~{S},6~{S},7~{R},7~{a}~{S})-7-(hydroxymethyl)-2,2-bis(oxidanylidene)-3~{a},4,5,6,7,7~{a}-hexahydro-3~{H}-benzo[d][1,2,3]oxathiazole-4,5,6-triol 'C7 H13 N O7 S'
#
# COMPACT_ATOMS: atom_id res chain seq x y z
N LEU A 1 18.04 12.78 -27.82
CA LEU A 1 19.33 13.53 -27.96
C LEU A 1 20.35 12.59 -28.61
N ASP A 2 20.93 13.00 -29.74
CA ASP A 2 21.80 12.10 -30.52
C ASP A 2 23.25 12.25 -30.06
N ASN A 3 23.51 12.00 -28.78
CA ASN A 3 24.87 11.95 -28.18
C ASN A 3 25.35 10.51 -28.10
N GLY A 4 24.62 9.56 -28.68
CA GLY A 4 25.00 8.14 -28.64
C GLY A 4 24.74 7.47 -27.30
N LEU A 5 24.08 8.14 -26.36
CA LEU A 5 23.82 7.55 -25.03
C LEU A 5 22.33 7.21 -24.88
N ALA A 6 22.00 6.49 -23.83
CA ALA A 6 20.62 6.09 -23.50
C ALA A 6 20.01 5.46 -24.76
N ARG A 7 20.75 4.58 -25.41
CA ARG A 7 20.22 3.84 -26.58
C ARG A 7 19.15 2.86 -26.08
N THR A 8 19.26 2.42 -24.83
CA THR A 8 18.15 1.79 -24.04
C THR A 8 17.92 2.66 -22.81
N PRO A 9 16.75 2.56 -22.14
CA PRO A 9 16.49 3.42 -20.99
C PRO A 9 17.59 3.22 -19.93
N THR A 10 18.12 4.34 -19.43
CA THR A 10 19.19 4.42 -18.38
C THR A 10 18.72 3.68 -17.13
N MET A 11 19.60 2.88 -16.55
CA MET A 11 19.33 2.12 -15.31
C MET A 11 20.33 2.58 -14.25
N GLY A 12 19.85 2.79 -13.04
CA GLY A 12 20.74 3.06 -11.90
C GLY A 12 20.02 3.29 -10.60
N TRP A 13 20.62 4.14 -9.77
CA TRP A 13 20.20 4.43 -8.39
C TRP A 13 20.30 5.94 -8.15
N LEU A 14 19.27 6.51 -7.55
CA LEU A 14 19.17 7.95 -7.29
C LEU A 14 18.68 8.12 -5.84
N HIS A 15 19.29 9.00 -5.07
CA HIS A 15 19.08 9.08 -3.61
C HIS A 15 17.72 9.68 -3.27
N TRP A 16 17.08 10.43 -4.17
CA TRP A 16 16.09 11.45 -3.71
C TRP A 16 14.97 10.84 -2.86
N GLU A 17 14.21 9.89 -3.38
CA GLU A 17 12.90 9.53 -2.78
C GLU A 17 13.13 8.96 -1.37
N ARG A 18 14.13 8.09 -1.20
N ARG A 18 14.14 8.09 -1.21
CA ARG A 18 14.40 7.38 0.08
CA ARG A 18 14.42 7.36 0.07
C ARG A 18 15.21 8.26 1.05
C ARG A 18 15.21 8.24 1.05
N PHE A 19 16.21 9.00 0.58
CA PHE A 19 17.13 9.78 1.48
C PHE A 19 16.85 11.29 1.47
N MET A 20 16.28 11.85 0.41
CA MET A 20 15.73 13.24 0.40
C MET A 20 16.87 14.24 0.69
N CYS A 21 16.62 15.28 1.50
CA CYS A 21 17.60 16.35 1.81
C CYS A 21 17.98 16.27 3.29
N ASN A 22 18.46 15.11 3.72
CA ASN A 22 18.92 14.87 5.11
C ASN A 22 20.35 15.44 5.28
N LEU A 23 20.47 16.66 5.82
CA LEU A 23 21.79 17.30 6.05
C LEU A 23 22.33 16.95 7.45
N ASP A 24 21.62 16.16 8.26
CA ASP A 24 22.00 15.95 9.70
C ASP A 24 23.00 14.79 9.85
N CYS A 25 24.27 15.01 9.52
CA CYS A 25 25.30 13.94 9.61
C CYS A 25 25.69 13.71 11.09
N GLN A 26 25.53 14.71 11.97
CA GLN A 26 25.76 14.55 13.44
C GLN A 26 24.84 13.43 13.97
N GLU A 27 23.52 13.65 13.99
CA GLU A 27 22.57 12.69 14.60
C GLU A 27 22.31 11.48 13.67
N GLU A 28 22.41 11.63 12.33
CA GLU A 28 22.07 10.53 11.37
C GLU A 28 23.13 10.34 10.30
N PRO A 29 24.36 9.86 10.64
CA PRO A 29 25.43 9.67 9.67
C PRO A 29 25.24 8.56 8.61
N ASP A 30 24.43 7.57 8.99
N ASP A 30 24.38 7.59 8.91
CA ASP A 30 24.00 6.40 8.17
CA ASP A 30 24.13 6.40 8.04
C ASP A 30 23.23 6.85 6.92
C ASP A 30 22.93 6.65 7.10
N SER A 31 22.37 7.86 7.06
CA SER A 31 21.29 8.22 6.11
C SER A 31 21.40 9.68 5.59
N CYS A 32 22.42 10.45 5.99
CA CYS A 32 22.58 11.87 5.58
C CYS A 32 23.18 11.90 4.17
N ILE A 33 23.03 13.03 3.45
CA ILE A 33 23.53 13.14 2.05
C ILE A 33 25.02 13.43 2.13
N SER A 34 25.82 12.38 1.98
CA SER A 34 27.29 12.41 2.14
C SER A 34 27.95 11.44 1.15
N GLU A 35 29.25 11.59 0.95
CA GLU A 35 30.01 10.71 0.06
C GLU A 35 30.03 9.30 0.66
N LYS A 36 29.99 9.16 1.98
CA LYS A 36 29.93 7.81 2.61
C LYS A 36 28.69 7.08 2.10
N LEU A 37 27.54 7.78 1.97
CA LEU A 37 26.30 7.13 1.49
C LEU A 37 26.51 6.59 0.07
N PHE A 38 27.11 7.38 -0.82
CA PHE A 38 27.27 7.05 -2.25
C PHE A 38 28.27 5.91 -2.40
N MET A 39 29.30 5.89 -1.56
CA MET A 39 30.32 4.83 -1.61
C MET A 39 29.72 3.52 -1.11
N GLU A 40 28.88 3.55 -0.07
CA GLU A 40 28.23 2.31 0.43
C GLU A 40 27.37 1.72 -0.71
N MET A 41 26.61 2.59 -1.38
CA MET A 41 25.69 2.15 -2.46
C MET A 41 26.52 1.58 -3.63
N ALA A 42 27.62 2.25 -4.00
CA ALA A 42 28.54 1.82 -5.08
C ALA A 42 29.07 0.41 -4.79
N GLU A 43 29.53 0.20 -3.56
CA GLU A 43 30.07 -1.11 -3.12
C GLU A 43 28.98 -2.17 -3.28
N LEU A 44 27.77 -1.88 -2.79
CA LEU A 44 26.66 -2.88 -2.83
C LEU A 44 26.17 -3.08 -4.27
N MET A 45 26.18 -2.06 -5.13
CA MET A 45 25.76 -2.25 -6.54
C MET A 45 26.65 -3.30 -7.21
N VAL A 46 27.94 -3.30 -6.86
CA VAL A 46 28.90 -4.34 -7.33
C VAL A 46 28.59 -5.68 -6.64
N SER A 47 28.64 -5.74 -5.32
CA SER A 47 28.68 -6.98 -4.54
C SER A 47 27.33 -7.70 -4.57
N GLU A 48 26.21 -6.99 -4.71
CA GLU A 48 24.85 -7.58 -4.57
C GLU A 48 24.18 -7.85 -5.93
N GLY A 49 24.88 -7.70 -7.05
CA GLY A 49 24.41 -8.15 -8.37
C GLY A 49 23.67 -7.08 -9.16
N TRP A 50 23.65 -5.84 -8.69
CA TRP A 50 22.90 -4.72 -9.33
C TRP A 50 23.53 -4.33 -10.67
N LYS A 51 24.84 -4.14 -10.70
CA LYS A 51 25.62 -3.78 -11.91
C LYS A 51 25.43 -4.88 -12.95
N ASP A 52 25.52 -6.13 -12.51
CA ASP A 52 25.29 -7.32 -13.38
C ASP A 52 23.89 -7.30 -14.01
N ALA A 53 22.86 -6.83 -13.30
CA ALA A 53 21.46 -6.81 -13.81
C ALA A 53 21.29 -5.60 -14.74
N GLY A 54 22.19 -4.62 -14.66
CA GLY A 54 22.27 -3.49 -15.61
C GLY A 54 22.21 -2.13 -14.92
N TYR A 55 22.08 -2.08 -13.60
CA TYR A 55 22.04 -0.80 -12.82
C TYR A 55 23.47 -0.26 -12.80
N GLU A 56 23.68 0.86 -13.48
CA GLU A 56 25.03 1.34 -13.87
C GLU A 56 25.27 2.77 -13.38
N TYR A 57 24.26 3.62 -13.33
CA TYR A 57 24.42 5.03 -12.92
C TYR A 57 24.04 5.21 -11.45
N LEU A 58 25.04 5.56 -10.65
CA LEU A 58 24.90 5.98 -9.24
C LEU A 58 24.77 7.49 -9.20
N CYS A 59 23.60 8.00 -8.83
CA CYS A 59 23.26 9.42 -9.08
C CYS A 59 22.97 10.15 -7.78
N ILE A 60 23.54 11.36 -7.70
CA ILE A 60 23.34 12.33 -6.60
C ILE A 60 22.21 13.25 -7.04
N ASP A 61 21.22 13.45 -6.18
CA ASP A 61 20.10 14.40 -6.41
C ASP A 61 20.47 15.67 -5.67
N ASP A 62 19.49 16.52 -5.34
CA ASP A 62 19.69 17.85 -4.71
C ASP A 62 20.36 17.68 -3.34
N CYS A 63 20.89 18.78 -2.80
CA CYS A 63 21.45 18.91 -1.44
C CYS A 63 22.87 18.30 -1.32
N TRP A 64 23.65 18.25 -2.40
CA TRP A 64 25.10 17.89 -2.39
C TRP A 64 26.00 19.14 -2.36
N MET A 65 25.44 20.33 -2.61
CA MET A 65 26.20 21.59 -2.87
C MET A 65 26.53 22.28 -1.53
N ALA A 66 27.69 22.94 -1.48
CA ALA A 66 27.97 24.06 -0.54
C ALA A 66 26.92 25.15 -0.72
N PRO A 67 26.60 25.94 0.32
CA PRO A 67 25.60 27.01 0.20
C PRO A 67 25.93 28.12 -0.82
N GLN A 68 27.22 28.34 -1.11
CA GLN A 68 27.72 29.43 -2.00
C GLN A 68 28.71 28.84 -3.01
N ARG A 69 28.81 29.45 -4.19
CA ARG A 69 29.86 29.08 -5.19
C ARG A 69 31.23 29.43 -4.58
N ASP A 70 32.31 28.92 -5.16
CA ASP A 70 33.68 29.18 -4.65
C ASP A 70 34.14 30.57 -5.12
N SER A 71 35.36 30.96 -4.71
CA SER A 71 36.06 32.20 -5.14
C SER A 71 36.00 32.36 -6.67
N GLU A 72 36.23 31.27 -7.42
CA GLU A 72 36.31 31.27 -8.92
C GLU A 72 34.92 31.12 -9.56
N GLY A 73 33.83 31.22 -8.79
CA GLY A 73 32.44 31.28 -9.30
C GLY A 73 31.87 29.91 -9.65
N ARG A 74 32.50 28.83 -9.16
CA ARG A 74 32.14 27.43 -9.50
C ARG A 74 31.21 26.87 -8.43
N LEU A 75 30.45 25.83 -8.79
CA LEU A 75 29.71 24.96 -7.84
C LEU A 75 30.75 24.18 -7.03
N GLN A 76 30.51 24.03 -5.72
CA GLN A 76 31.35 23.18 -4.84
C GLN A 76 30.43 22.21 -4.12
N ALA A 77 30.99 21.02 -3.85
CA ALA A 77 30.45 20.01 -2.93
C ALA A 77 30.61 20.54 -1.51
N ASP A 78 29.56 20.43 -0.70
CA ASP A 78 29.62 20.73 0.76
C ASP A 78 30.92 20.15 1.30
N PRO A 79 31.79 21.00 1.91
CA PRO A 79 33.13 20.58 2.31
C PRO A 79 33.16 19.53 3.43
N GLN A 80 32.14 19.49 4.29
CA GLN A 80 32.05 18.48 5.39
C GLN A 80 31.42 17.18 4.91
N ARG A 81 30.35 17.22 4.12
CA ARG A 81 29.61 15.99 3.69
C ARG A 81 30.32 15.32 2.50
N PHE A 82 30.99 16.11 1.65
CA PHE A 82 31.74 15.62 0.45
C PHE A 82 33.19 16.09 0.55
N PRO A 83 33.95 15.67 1.58
CA PRO A 83 35.24 16.26 1.88
C PRO A 83 36.29 16.01 0.79
N HIS A 84 36.25 14.86 0.11
CA HIS A 84 37.19 14.49 -0.99
C HIS A 84 36.72 15.10 -2.32
N GLY A 85 35.53 15.71 -2.37
CA GLY A 85 35.00 16.40 -3.57
C GLY A 85 34.46 15.41 -4.62
N ILE A 86 33.75 15.92 -5.63
CA ILE A 86 33.00 15.08 -6.61
C ILE A 86 34.00 14.34 -7.52
N ARG A 87 35.03 15.03 -8.01
CA ARG A 87 36.01 14.43 -8.94
C ARG A 87 36.53 13.12 -8.32
N GLN A 88 36.82 13.10 -7.03
CA GLN A 88 37.37 11.91 -6.32
C GLN A 88 36.28 10.85 -6.14
N LEU A 89 35.03 11.26 -5.89
CA LEU A 89 33.89 10.31 -5.79
C LEU A 89 33.69 9.66 -7.16
N ALA A 90 33.77 10.46 -8.22
CA ALA A 90 33.66 9.98 -9.62
C ALA A 90 34.76 8.95 -9.87
N ASN A 91 35.99 9.22 -9.41
CA ASN A 91 37.12 8.28 -9.61
C ASN A 91 36.77 6.94 -8.96
N TYR A 92 36.26 6.96 -7.73
CA TYR A 92 35.93 5.72 -6.97
C TYR A 92 34.82 4.94 -7.69
N VAL A 93 33.77 5.65 -8.12
CA VAL A 93 32.59 4.99 -8.76
C VAL A 93 33.06 4.36 -10.07
N HIS A 94 33.91 5.06 -10.81
CA HIS A 94 34.55 4.56 -12.06
C HIS A 94 35.41 3.33 -11.76
N SER A 95 36.14 3.29 -10.64
CA SER A 95 36.99 2.11 -10.32
C SER A 95 36.13 0.86 -10.12
N LYS A 96 34.84 1.02 -9.84
CA LYS A 96 33.87 -0.11 -9.64
C LYS A 96 33.18 -0.50 -10.96
N GLY A 97 33.45 0.22 -12.05
CA GLY A 97 32.83 0.00 -13.36
C GLY A 97 31.43 0.61 -13.46
N LEU A 98 31.15 1.62 -12.63
CA LEU A 98 29.84 2.32 -12.58
C LEU A 98 30.07 3.74 -13.11
N LYS A 99 29.00 4.50 -13.19
CA LYS A 99 28.98 5.89 -13.68
C LYS A 99 28.32 6.75 -12.61
N LEU A 100 28.65 8.02 -12.60
CA LEU A 100 28.20 8.96 -11.57
C LEU A 100 27.24 9.94 -12.21
N GLY A 101 26.11 10.18 -11.56
CA GLY A 101 25.15 11.22 -11.95
C GLY A 101 25.17 12.32 -10.91
N ILE A 102 24.90 13.55 -11.30
CA ILE A 102 24.77 14.70 -10.37
C ILE A 102 23.56 15.54 -10.77
N TYR A 103 23.19 16.52 -9.96
CA TYR A 103 21.95 17.32 -10.06
C TYR A 103 22.35 18.78 -10.11
N ALA A 104 21.65 19.58 -10.93
CA ALA A 104 21.71 21.07 -10.96
C ALA A 104 20.32 21.57 -11.35
N ASP A 105 20.14 22.89 -11.35
CA ASP A 105 18.83 23.55 -11.60
C ASP A 105 19.07 24.69 -12.62
N VAL A 106 18.20 24.77 -13.61
CA VAL A 106 18.25 25.75 -14.73
C VAL A 106 18.06 27.18 -14.20
N GLY A 107 17.33 27.36 -13.09
CA GLY A 107 17.00 28.68 -12.50
C GLY A 107 18.07 29.19 -11.54
N ASN A 108 17.66 30.03 -10.59
CA ASN A 108 18.58 30.84 -9.75
C ASN A 108 19.00 30.05 -8.51
N LYS A 109 18.10 29.22 -7.98
CA LYS A 109 18.36 28.27 -6.87
C LYS A 109 17.90 26.87 -7.30
N THR A 110 18.47 25.80 -6.73
CA THR A 110 17.89 24.44 -6.79
C THR A 110 16.58 24.44 -6.00
N CYS A 111 15.79 23.38 -6.11
CA CYS A 111 14.48 23.34 -5.40
C CYS A 111 14.71 23.41 -3.89
N ALA A 112 15.79 22.84 -3.37
CA ALA A 112 16.07 22.89 -1.91
C ALA A 112 16.84 24.18 -1.54
N GLY A 113 17.10 25.08 -2.49
CA GLY A 113 17.55 26.47 -2.21
C GLY A 113 19.06 26.65 -2.30
N PHE A 114 19.79 25.66 -2.83
CA PHE A 114 21.25 25.72 -3.13
C PHE A 114 21.47 26.42 -4.45
N PRO A 115 22.73 26.74 -4.81
CA PRO A 115 23.04 27.51 -6.03
C PRO A 115 22.48 26.99 -7.37
N GLY A 116 21.67 27.83 -8.05
CA GLY A 116 21.15 27.61 -9.41
C GLY A 116 22.23 27.78 -10.46
N SER A 117 21.96 27.42 -11.71
CA SER A 117 22.97 27.44 -12.80
C SER A 117 22.66 28.58 -13.78
N PHE A 118 21.49 29.21 -13.67
CA PHE A 118 21.16 30.41 -14.48
C PHE A 118 22.37 31.35 -14.46
N GLY A 119 22.85 31.74 -15.63
CA GLY A 119 24.02 32.63 -15.77
C GLY A 119 25.33 31.89 -15.74
N TYR A 120 25.39 30.65 -15.26
CA TYR A 120 26.67 29.88 -15.16
C TYR A 120 26.63 28.58 -15.97
N TYR A 121 25.78 28.49 -17.00
CA TYR A 121 25.53 27.21 -17.73
C TYR A 121 26.83 26.64 -18.30
N ASP A 122 27.66 27.48 -18.94
CA ASP A 122 28.91 27.05 -19.63
C ASP A 122 29.92 26.56 -18.59
N ILE A 123 30.12 27.31 -17.50
CA ILE A 123 31.08 26.96 -16.41
C ILE A 123 30.60 25.67 -15.75
N ASP A 124 29.30 25.62 -15.39
CA ASP A 124 28.71 24.47 -14.67
C ASP A 124 28.95 23.22 -15.52
N ALA A 125 28.65 23.30 -16.82
CA ALA A 125 28.90 22.18 -17.76
C ALA A 125 30.36 21.72 -17.67
N GLN A 126 31.31 22.66 -17.67
CA GLN A 126 32.78 22.36 -17.76
C GLN A 126 33.26 21.75 -16.45
N THR A 127 32.81 22.32 -15.32
CA THR A 127 33.00 21.78 -13.96
C THR A 127 32.57 20.30 -13.93
N PHE A 128 31.31 19.99 -14.31
CA PHE A 128 30.77 18.61 -14.30
C PHE A 128 31.67 17.71 -15.17
N ALA A 129 32.02 18.17 -16.37
CA ALA A 129 32.88 17.43 -17.31
C ALA A 129 34.26 17.16 -16.69
N ASP A 130 34.87 18.19 -16.08
CA ASP A 130 36.20 18.11 -15.41
C ASP A 130 36.15 17.07 -14.28
N TRP A 131 35.07 17.11 -13.47
CA TRP A 131 34.84 16.19 -12.31
C TRP A 131 34.66 14.73 -12.74
N GLY A 132 34.37 14.46 -14.01
CA GLY A 132 34.15 13.09 -14.54
C GLY A 132 32.71 12.62 -14.38
N VAL A 133 31.77 13.55 -14.24
CA VAL A 133 30.31 13.27 -14.14
C VAL A 133 29.86 12.59 -15.44
N ASP A 134 29.09 11.51 -15.33
CA ASP A 134 28.60 10.74 -16.51
C ASP A 134 27.13 11.06 -16.76
N LEU A 135 26.47 11.86 -15.91
CA LEU A 135 25.01 12.12 -16.08
C LEU A 135 24.61 13.37 -15.30
N LEU A 136 23.77 14.21 -15.90
CA LEU A 136 23.23 15.39 -15.20
C LEU A 136 21.69 15.31 -15.18
N LYS A 137 21.11 15.39 -13.98
CA LYS A 137 19.66 15.65 -13.80
C LYS A 137 19.50 17.16 -13.60
N PHE A 138 18.69 17.80 -14.42
CA PHE A 138 18.60 19.29 -14.53
C PHE A 138 17.17 19.73 -14.22
N ASP A 139 16.97 20.22 -13.00
CA ASP A 139 15.64 20.59 -12.44
C ASP A 139 15.28 22.02 -12.87
N GLY A 140 14.02 22.42 -12.69
CA GLY A 140 13.45 23.66 -13.24
C GLY A 140 12.96 24.66 -12.21
N CYS A 141 13.32 24.53 -10.92
CA CYS A 141 12.84 25.48 -9.87
C CYS A 141 13.49 26.88 -10.05
N TYR A 142 12.80 27.91 -9.58
CA TYR A 142 13.35 29.29 -9.45
C TYR A 142 13.73 29.78 -10.85
N CYS A 143 12.75 29.74 -11.74
CA CYS A 143 12.84 30.13 -13.17
C CYS A 143 11.62 30.98 -13.51
N ASP A 144 11.84 32.28 -13.77
CA ASP A 144 10.78 33.31 -13.80
C ASP A 144 9.99 33.31 -15.11
N SER A 145 10.49 32.69 -16.19
CA SER A 145 9.80 32.69 -17.52
C SER A 145 9.94 31.34 -18.26
N LEU A 146 9.00 31.03 -19.16
CA LEU A 146 9.06 29.88 -20.12
C LEU A 146 10.22 30.09 -21.08
N GLU A 147 10.48 31.35 -21.47
CA GLU A 147 11.63 31.73 -22.34
C GLU A 147 12.91 31.29 -21.65
N ASN A 148 13.10 31.67 -20.38
CA ASN A 148 14.32 31.35 -19.59
C ASN A 148 14.43 29.82 -19.43
N LEU A 149 13.30 29.13 -19.20
CA LEU A 149 13.25 27.65 -19.05
C LEU A 149 13.81 26.99 -20.32
N ALA A 150 13.17 27.24 -21.46
CA ALA A 150 13.55 26.73 -22.79
C ALA A 150 15.02 27.07 -23.07
N ASP A 151 15.40 28.33 -22.99
CA ASP A 151 16.78 28.78 -23.34
C ASP A 151 17.79 28.07 -22.43
N GLY A 152 17.48 27.94 -21.13
CA GLY A 152 18.36 27.26 -20.16
C GLY A 152 18.58 25.78 -20.49
N TYR A 153 17.51 25.02 -20.72
CA TYR A 153 17.61 23.57 -21.04
C TYR A 153 18.38 23.37 -22.35
N LYS A 154 18.05 24.16 -23.39
CA LYS A 154 18.74 24.13 -24.71
C LYS A 154 20.22 24.50 -24.51
N HIS A 155 20.47 25.58 -23.77
CA HIS A 155 21.84 26.12 -23.53
C HIS A 155 22.66 25.04 -22.79
N MET A 156 22.16 24.49 -21.69
CA MET A 156 22.94 23.47 -20.91
C MET A 156 23.19 22.25 -21.81
N SER A 157 22.24 21.91 -22.69
CA SER A 157 22.39 20.76 -23.62
C SER A 157 23.60 20.99 -24.52
N LEU A 158 23.71 22.19 -25.09
CA LEU A 158 24.79 22.51 -26.06
C LEU A 158 26.10 22.61 -25.27
N ALA A 159 26.06 23.25 -24.10
CA ALA A 159 27.25 23.43 -23.23
C ALA A 159 27.80 22.07 -22.83
N LEU A 160 26.94 21.07 -22.55
CA LEU A 160 27.44 19.71 -22.21
C LEU A 160 28.13 19.11 -23.44
N ASN A 161 27.47 19.19 -24.59
CA ASN A 161 28.04 18.68 -25.87
C ASN A 161 29.46 19.25 -26.07
N ARG A 162 29.63 20.55 -25.84
CA ARG A 162 30.90 21.28 -26.10
C ARG A 162 32.02 20.70 -25.23
N THR A 163 31.73 20.19 -24.03
CA THR A 163 32.78 19.65 -23.13
C THR A 163 33.53 18.50 -23.79
N GLY A 164 32.94 17.82 -24.77
CA GLY A 164 33.52 16.60 -25.35
C GLY A 164 33.27 15.34 -24.53
N ARG A 165 32.73 15.44 -23.31
CA ARG A 165 32.48 14.22 -22.48
C ARG A 165 31.06 13.68 -22.75
N SER A 166 30.92 12.37 -22.91
CA SER A 166 29.62 11.65 -22.93
C SER A 166 28.92 11.76 -21.56
N ILE A 167 27.93 12.62 -21.45
CA ILE A 167 27.11 12.89 -20.23
C ILE A 167 25.62 12.72 -20.57
N VAL A 168 24.94 11.74 -19.97
CA VAL A 168 23.47 11.57 -20.08
C VAL A 168 22.78 12.83 -19.53
N TYR A 169 21.87 13.43 -20.29
CA TYR A 169 21.18 14.69 -19.91
C TYR A 169 19.72 14.38 -19.60
N SER A 170 19.37 14.40 -18.30
CA SER A 170 18.01 14.15 -17.78
C SER A 170 17.40 15.52 -17.46
N CYS A 171 16.25 15.84 -18.05
CA CYS A 171 15.65 17.21 -18.03
C CYS A 171 14.32 17.17 -17.28
N GLU A 172 13.89 18.27 -16.66
CA GLU A 172 12.55 18.37 -16.04
C GLU A 172 11.71 19.41 -16.79
N TRP A 173 12.14 19.75 -18.01
CA TRP A 173 11.59 20.81 -18.88
C TRP A 173 10.08 20.63 -19.06
N PRO A 174 9.57 19.47 -19.49
CA PRO A 174 8.14 19.35 -19.71
C PRO A 174 7.34 19.59 -18.43
N LEU A 175 7.73 18.94 -17.34
CA LEU A 175 7.09 19.09 -16.00
C LEU A 175 6.85 20.58 -15.70
N TYR A 176 7.87 21.44 -15.86
CA TYR A 176 7.81 22.87 -15.43
C TYR A 176 7.02 23.73 -16.42
N MET A 177 6.91 23.29 -17.66
CA MET A 177 6.19 23.98 -18.77
C MET A 177 4.68 23.70 -18.66
N TRP A 178 4.28 22.44 -18.44
CA TRP A 178 2.90 21.88 -18.55
C TRP A 178 1.83 22.73 -17.84
N PRO A 179 2.07 23.34 -16.65
CA PRO A 179 1.03 24.20 -16.07
C PRO A 179 0.61 25.36 -17.00
N PHE A 180 1.49 25.82 -17.89
CA PHE A 180 1.42 27.13 -18.61
C PHE A 180 1.20 26.93 -20.11
N GLN A 181 1.91 25.99 -20.74
CA GLN A 181 1.70 25.66 -22.18
C GLN A 181 2.16 24.24 -22.50
N LYS A 182 1.44 23.56 -23.42
CA LYS A 182 1.72 22.17 -23.86
C LYS A 182 3.15 22.10 -24.38
N PRO A 183 4.05 21.26 -23.82
CA PRO A 183 5.40 21.14 -24.35
C PRO A 183 5.43 20.57 -25.77
N ASN A 184 6.47 20.92 -26.54
CA ASN A 184 6.78 20.33 -27.86
C ASN A 184 7.86 19.26 -27.66
N TYR A 185 7.43 18.01 -27.66
CA TYR A 185 8.24 16.84 -27.26
C TYR A 185 9.29 16.58 -28.33
N THR A 186 8.95 16.82 -29.60
CA THR A 186 9.91 16.69 -30.74
C THR A 186 11.14 17.54 -30.43
N GLU A 187 10.94 18.79 -29.99
CA GLU A 187 12.04 19.71 -29.61
C GLU A 187 12.73 19.22 -28.33
N ILE A 188 11.97 18.89 -27.28
CA ILE A 188 12.60 18.46 -25.99
C ILE A 188 13.54 17.28 -26.28
N ARG A 189 13.12 16.34 -27.11
CA ARG A 189 13.91 15.13 -27.44
C ARG A 189 15.22 15.52 -28.15
N GLN A 190 15.20 16.52 -29.02
CA GLN A 190 16.41 17.06 -29.71
C GLN A 190 17.46 17.47 -28.65
N TYR A 191 17.03 17.95 -27.49
CA TYR A 191 17.96 18.46 -26.45
C TYR A 191 18.20 17.47 -25.31
N CYS A 192 17.33 16.47 -25.06
CA CYS A 192 17.31 15.72 -23.78
C CYS A 192 17.33 14.20 -24.02
N ASN A 193 18.12 13.44 -23.24
CA ASN A 193 18.10 11.95 -23.24
C ASN A 193 16.90 11.38 -22.49
N HIS A 194 16.40 12.08 -21.48
CA HIS A 194 15.07 11.77 -20.87
C HIS A 194 14.50 13.00 -20.16
N TRP A 195 13.21 12.97 -19.90
CA TRP A 195 12.47 14.16 -19.47
C TRP A 195 11.34 13.74 -18.54
N ARG A 196 11.29 14.38 -17.37
CA ARG A 196 10.23 14.21 -16.38
C ARG A 196 8.98 14.90 -16.95
N ASN A 197 7.88 14.17 -16.97
CA ASN A 197 6.57 14.64 -17.45
C ASN A 197 5.72 15.16 -16.29
N PHE A 198 5.85 14.58 -15.09
CA PHE A 198 4.79 14.59 -14.06
C PHE A 198 5.39 14.74 -12.65
N ALA A 199 4.52 15.03 -11.68
CA ALA A 199 4.76 15.27 -10.24
C ALA A 199 5.63 14.14 -9.65
N ASP A 200 6.53 14.51 -8.75
CA ASP A 200 7.46 13.63 -8.00
C ASP A 200 6.72 12.37 -7.54
N ILE A 201 7.31 11.21 -7.76
CA ILE A 201 6.80 9.96 -7.16
C ILE A 201 6.97 10.04 -5.63
N ASP A 202 6.10 9.38 -4.88
CA ASP A 202 6.40 9.09 -3.46
C ASP A 202 6.10 7.62 -3.19
N ASP A 203 6.32 7.20 -1.95
CA ASP A 203 6.26 5.78 -1.53
C ASP A 203 4.80 5.44 -1.24
N SER A 204 3.96 5.50 -2.25
CA SER A 204 2.52 5.19 -2.14
C SER A 204 1.94 4.64 -3.44
N TRP A 205 0.90 3.83 -3.28
CA TRP A 205 0.08 3.32 -4.41
C TRP A 205 -0.64 4.48 -5.12
N LYS A 206 -1.11 5.48 -4.38
CA LYS A 206 -1.77 6.70 -4.93
C LYS A 206 -0.86 7.35 -5.98
N SER A 207 0.42 7.50 -5.65
CA SER A 207 1.49 8.03 -6.53
C SER A 207 1.55 7.21 -7.83
N ILE A 208 1.75 5.91 -7.71
CA ILE A 208 1.85 5.00 -8.88
C ILE A 208 0.66 5.22 -9.80
N LYS A 209 -0.54 5.03 -9.29
CA LYS A 209 -1.82 5.19 -10.04
C LYS A 209 -1.89 6.54 -10.74
N SER A 210 -1.47 7.62 -10.06
N SER A 210 -1.48 7.62 -10.06
CA SER A 210 -1.55 8.99 -10.63
CA SER A 210 -1.54 8.98 -10.65
C SER A 210 -0.59 9.09 -11.83
C SER A 210 -0.61 9.04 -11.87
N ILE A 211 0.59 8.48 -11.73
CA ILE A 211 1.61 8.49 -12.83
C ILE A 211 1.09 7.66 -13.99
N LEU A 212 0.52 6.48 -13.75
CA LEU A 212 -0.05 5.67 -14.83
C LEU A 212 -1.21 6.42 -15.48
N ASP A 213 -2.09 7.03 -14.70
CA ASP A 213 -3.28 7.73 -15.25
C ASP A 213 -2.84 8.91 -16.07
N TRP A 214 -1.80 9.62 -15.62
CA TRP A 214 -1.31 10.75 -16.43
C TRP A 214 -0.72 10.24 -17.75
N THR A 215 0.03 9.13 -17.73
CA THR A 215 0.70 8.58 -18.92
C THR A 215 -0.35 8.11 -19.93
N SER A 216 -1.36 7.33 -19.51
CA SER A 216 -2.41 6.83 -20.41
C SER A 216 -3.23 8.01 -20.97
N PHE A 217 -3.48 9.05 -20.17
CA PHE A 217 -4.24 10.25 -20.61
C PHE A 217 -3.46 10.99 -21.72
N ASN A 218 -2.13 11.03 -21.62
CA ASN A 218 -1.28 11.87 -22.49
C ASN A 218 -0.57 11.03 -23.56
N GLN A 219 -1.01 9.80 -23.80
CA GLN A 219 -0.19 8.82 -24.55
C GLN A 219 -0.07 9.24 -26.02
N GLU A 220 -1.12 9.83 -26.60
CA GLU A 220 -1.16 10.31 -28.00
C GLU A 220 0.01 11.28 -28.22
N ARG A 221 0.41 11.99 -27.19
CA ARG A 221 1.40 13.09 -27.33
C ARG A 221 2.81 12.60 -27.04
N ILE A 222 2.99 11.52 -26.26
CA ILE A 222 4.34 11.22 -25.68
C ILE A 222 4.89 9.88 -26.16
N VAL A 223 4.05 8.91 -26.52
CA VAL A 223 4.54 7.52 -26.75
C VAL A 223 5.45 7.48 -27.99
N ASP A 224 5.08 8.13 -29.09
CA ASP A 224 5.81 7.98 -30.38
C ASP A 224 7.14 8.75 -30.35
N VAL A 225 7.26 9.80 -29.54
CA VAL A 225 8.53 10.58 -29.47
C VAL A 225 9.59 9.74 -28.76
N ALA A 226 9.22 8.79 -27.92
CA ALA A 226 10.20 7.98 -27.16
C ALA A 226 10.93 7.03 -28.12
N GLY A 227 12.17 6.67 -27.81
CA GLY A 227 12.99 5.81 -28.67
C GLY A 227 14.45 5.96 -28.30
N PRO A 228 15.34 5.08 -28.83
CA PRO A 228 16.77 5.12 -28.50
C PRO A 228 17.29 6.57 -28.50
N GLY A 229 17.85 7.03 -27.37
CA GLY A 229 18.39 8.39 -27.19
C GLY A 229 17.45 9.35 -26.48
N GLY A 230 16.17 8.99 -26.27
CA GLY A 230 15.17 9.94 -25.73
C GLY A 230 13.95 9.24 -25.14
N TRP A 231 13.74 9.33 -23.81
CA TRP A 231 12.72 8.54 -23.08
C TRP A 231 11.84 9.41 -22.20
N ASN A 232 10.57 9.03 -22.08
CA ASN A 232 9.66 9.56 -21.05
C ASN A 232 10.16 9.03 -19.69
N ASP A 233 10.25 9.94 -18.72
CA ASP A 233 10.69 9.61 -17.34
C ASP A 233 9.52 9.78 -16.39
N PRO A 234 8.88 8.67 -15.97
CA PRO A 234 7.79 8.68 -14.99
C PRO A 234 8.26 8.66 -13.53
N ASP A 235 9.56 8.84 -13.30
CA ASP A 235 10.25 9.01 -11.99
C ASP A 235 10.67 7.64 -11.42
N MET A 236 11.26 7.65 -10.24
CA MET A 236 12.07 6.55 -9.64
C MET A 236 11.20 5.33 -9.33
N LEU A 237 11.81 4.15 -9.42
CA LEU A 237 11.35 2.90 -8.78
C LEU A 237 11.44 3.08 -7.26
N VAL A 238 10.37 2.78 -6.55
CA VAL A 238 10.34 2.87 -5.05
C VAL A 238 10.16 1.48 -4.45
N ILE A 239 10.35 0.45 -5.26
CA ILE A 239 10.34 -0.96 -4.80
C ILE A 239 11.48 -1.10 -3.78
N GLY A 240 11.24 -1.78 -2.66
CA GLY A 240 12.22 -2.02 -1.59
C GLY A 240 12.09 -1.03 -0.43
N ASN A 241 11.12 -0.11 -0.46
CA ASN A 241 10.84 0.85 0.64
C ASN A 241 9.61 0.37 1.41
N PHE A 242 8.66 1.26 1.75
CA PHE A 242 7.76 1.03 2.91
C PHE A 242 6.27 1.03 2.53
N GLY A 243 5.91 1.71 1.43
CA GLY A 243 4.54 2.18 1.10
C GLY A 243 3.78 1.24 0.16
N LEU A 244 4.48 0.34 -0.53
CA LEU A 244 3.87 -0.49 -1.61
C LEU A 244 3.69 -1.91 -1.10
N SER A 245 2.51 -2.49 -1.26
CA SER A 245 2.32 -3.95 -1.11
C SER A 245 3.17 -4.68 -2.17
N TRP A 246 3.30 -5.98 -2.04
CA TRP A 246 4.01 -6.81 -3.03
C TRP A 246 3.35 -6.61 -4.39
N ASN A 247 2.01 -6.63 -4.45
CA ASN A 247 1.27 -6.51 -5.72
C ASN A 247 1.51 -5.13 -6.34
N GLN A 248 1.60 -4.07 -5.53
CA GLN A 248 1.85 -2.69 -6.02
C GLN A 248 3.28 -2.56 -6.55
N GLN A 249 4.24 -3.22 -5.91
N GLN A 249 4.25 -3.22 -5.91
CA GLN A 249 5.65 -3.28 -6.38
CA GLN A 249 5.65 -3.27 -6.38
C GLN A 249 5.72 -3.94 -7.76
C GLN A 249 5.72 -3.94 -7.76
N VAL A 250 5.01 -5.05 -7.93
CA VAL A 250 4.93 -5.80 -9.22
C VAL A 250 4.35 -4.89 -10.28
N THR A 251 3.28 -4.18 -9.95
CA THR A 251 2.68 -3.19 -10.88
C THR A 251 3.76 -2.19 -11.27
N GLN A 252 4.53 -1.65 -10.33
CA GLN A 252 5.51 -0.61 -10.75
C GLN A 252 6.54 -1.24 -11.71
N MET A 253 7.13 -2.38 -11.36
CA MET A 253 8.17 -3.02 -12.23
C MET A 253 7.59 -3.36 -13.60
N ALA A 254 6.42 -3.97 -13.67
CA ALA A 254 5.74 -4.33 -14.91
C ALA A 254 5.54 -3.09 -15.79
N LEU A 255 4.95 -2.01 -15.25
CA LEU A 255 4.54 -0.87 -16.09
C LEU A 255 5.77 0.01 -16.42
N TRP A 256 6.80 0.05 -15.59
CA TRP A 256 8.03 0.79 -15.95
C TRP A 256 8.72 0.07 -17.12
N ALA A 257 8.54 -1.26 -17.24
CA ALA A 257 9.08 -2.04 -18.38
C ALA A 257 8.24 -1.72 -19.62
N ILE A 258 6.92 -1.79 -19.49
CA ILE A 258 6.01 -1.49 -20.63
C ILE A 258 6.33 -0.08 -21.13
N MET A 259 6.57 0.86 -20.23
CA MET A 259 6.66 2.30 -20.61
C MET A 259 8.07 2.66 -21.12
N ALA A 260 9.02 1.72 -21.17
CA ALA A 260 10.41 2.01 -21.58
C ALA A 260 10.89 3.22 -20.78
N ALA A 261 10.66 3.14 -19.47
CA ALA A 261 11.07 4.16 -18.48
C ALA A 261 12.53 3.92 -18.16
N PRO A 262 13.27 5.00 -17.88
CA PRO A 262 14.51 4.85 -17.11
C PRO A 262 14.13 4.16 -15.79
N LEU A 263 15.00 3.25 -15.35
CA LEU A 263 14.88 2.48 -14.10
C LEU A 263 15.93 3.02 -13.11
N PHE A 264 15.55 4.04 -12.36
CA PHE A 264 16.32 4.61 -11.23
C PHE A 264 15.66 4.19 -9.91
N MET A 265 16.24 3.18 -9.27
CA MET A 265 15.88 2.79 -7.90
C MET A 265 16.17 3.96 -6.98
N SER A 266 15.27 4.23 -6.04
CA SER A 266 15.58 5.10 -4.87
C SER A 266 15.19 4.29 -3.65
N ASN A 267 16.13 3.53 -3.12
CA ASN A 267 15.92 2.61 -1.99
C ASN A 267 17.22 2.56 -1.18
N ASP A 268 17.23 1.76 -0.14
CA ASP A 268 18.43 1.51 0.69
C ASP A 268 18.96 0.13 0.32
N LEU A 269 20.03 0.10 -0.46
CA LEU A 269 20.58 -1.20 -0.92
C LEU A 269 21.16 -1.97 0.27
N ARG A 270 21.36 -1.32 1.42
CA ARG A 270 21.88 -1.97 2.67
C ARG A 270 20.76 -2.73 3.38
N HIS A 271 19.49 -2.39 3.13
CA HIS A 271 18.30 -2.95 3.81
C HIS A 271 17.19 -3.15 2.80
N ILE A 272 17.26 -4.23 2.05
CA ILE A 272 16.24 -4.55 1.02
C ILE A 272 15.90 -6.03 1.15
N SER A 273 14.61 -6.34 1.22
CA SER A 273 14.08 -7.71 1.32
C SER A 273 14.56 -8.52 0.12
N PRO A 274 14.74 -9.85 0.27
CA PRO A 274 15.04 -10.71 -0.88
C PRO A 274 13.98 -10.67 -2.01
N GLN A 275 12.71 -10.46 -1.68
CA GLN A 275 11.61 -10.45 -2.69
C GLN A 275 11.75 -9.17 -3.52
N ALA A 276 12.01 -8.03 -2.90
CA ALA A 276 12.18 -6.72 -3.58
C ALA A 276 13.40 -6.82 -4.51
N LYS A 277 14.46 -7.45 -4.03
CA LYS A 277 15.74 -7.53 -4.78
C LYS A 277 15.54 -8.43 -6.00
N ALA A 278 14.83 -9.56 -5.86
CA ALA A 278 14.61 -10.49 -6.99
C ALA A 278 13.70 -9.81 -8.04
N LEU A 279 12.68 -9.06 -7.63
CA LEU A 279 11.80 -8.32 -8.57
C LEU A 279 12.62 -7.29 -9.37
N LEU A 280 13.45 -6.49 -8.70
CA LEU A 280 14.25 -5.43 -9.35
C LEU A 280 15.35 -6.03 -10.23
N GLN A 281 15.84 -7.23 -9.91
CA GLN A 281 16.94 -7.88 -10.67
C GLN A 281 16.33 -8.90 -11.64
N ASP A 282 15.00 -8.88 -11.82
CA ASP A 282 14.32 -9.85 -12.72
C ASP A 282 14.82 -9.68 -14.17
N LYS A 283 15.64 -10.61 -14.64
CA LYS A 283 16.32 -10.67 -15.97
C LYS A 283 15.32 -10.51 -17.13
N ASP A 284 14.24 -11.29 -17.12
CA ASP A 284 13.19 -11.27 -18.18
C ASP A 284 12.49 -9.91 -18.24
N VAL A 285 12.18 -9.31 -17.09
CA VAL A 285 11.42 -8.04 -17.05
C VAL A 285 12.35 -6.89 -17.45
N ILE A 286 13.61 -6.91 -16.99
CA ILE A 286 14.63 -5.89 -17.39
C ILE A 286 14.85 -5.99 -18.90
N ALA A 287 14.87 -7.22 -19.44
CA ALA A 287 15.05 -7.45 -20.90
C ALA A 287 13.87 -6.82 -21.65
N ILE A 288 12.68 -6.79 -21.09
CA ILE A 288 11.57 -6.03 -21.74
C ILE A 288 11.93 -4.54 -21.65
N ASN A 289 12.26 -4.05 -20.48
CA ASN A 289 12.50 -2.59 -20.33
C ASN A 289 13.59 -2.18 -21.33
N GLN A 290 14.62 -3.04 -21.45
CA GLN A 290 15.88 -2.79 -22.20
C GLN A 290 15.78 -3.27 -23.65
N ASP A 291 14.60 -3.61 -24.14
CA ASP A 291 14.42 -4.07 -25.55
C ASP A 291 15.05 -3.09 -26.54
N PRO A 292 15.96 -3.59 -27.42
CA PRO A 292 16.75 -2.72 -28.31
C PRO A 292 15.95 -1.93 -29.35
N LEU A 293 14.77 -2.42 -29.73
CA LEU A 293 13.80 -1.69 -30.58
C LEU A 293 13.43 -0.37 -29.92
N GLY A 294 13.26 -0.30 -28.60
CA GLY A 294 13.04 1.00 -27.93
C GLY A 294 11.71 1.67 -28.30
N LYS A 295 10.65 0.89 -28.51
CA LYS A 295 9.30 1.44 -28.81
C LYS A 295 8.48 1.43 -27.52
N GLN A 296 8.07 2.60 -27.03
CA GLN A 296 7.33 2.71 -25.77
C GLN A 296 5.97 2.00 -25.95
N GLY A 297 5.51 1.29 -24.92
CA GLY A 297 4.18 0.67 -24.90
C GLY A 297 3.12 1.70 -24.55
N TYR A 298 1.90 1.25 -24.40
CA TYR A 298 0.74 2.16 -24.33
C TYR A 298 -0.41 1.41 -23.70
N GLN A 299 -1.41 2.15 -23.25
CA GLN A 299 -2.64 1.54 -22.75
C GLN A 299 -3.51 1.18 -23.96
N LEU A 300 -3.90 -0.08 -24.05
CA LEU A 300 -4.77 -0.63 -25.10
C LEU A 300 -6.22 -0.49 -24.68
N ARG A 301 -6.57 -0.82 -23.43
CA ARG A 301 -7.96 -0.61 -22.94
C ARG A 301 -8.03 -0.43 -21.42
N GLN A 302 -9.18 0.07 -20.99
CA GLN A 302 -9.51 0.46 -19.61
C GLN A 302 -11.02 0.26 -19.48
N GLY A 303 -11.49 -0.30 -18.38
CA GLY A 303 -12.91 -0.53 -18.10
C GLY A 303 -13.06 -1.63 -17.08
N ASP A 304 -14.10 -1.56 -16.24
CA ASP A 304 -14.40 -2.58 -15.19
C ASP A 304 -13.21 -2.63 -14.22
N ASN A 305 -12.59 -1.47 -13.97
CA ASN A 305 -11.42 -1.32 -13.07
C ASN A 305 -10.28 -2.25 -13.50
N PHE A 306 -10.20 -2.60 -14.79
CA PHE A 306 -9.03 -3.25 -15.42
C PHE A 306 -8.40 -2.29 -16.44
N GLU A 307 -7.07 -2.42 -16.58
CA GLU A 307 -6.28 -1.83 -17.66
C GLU A 307 -5.54 -2.95 -18.40
N VAL A 308 -5.49 -2.88 -19.74
CA VAL A 308 -4.54 -3.66 -20.57
C VAL A 308 -3.57 -2.71 -21.23
N TRP A 309 -2.27 -2.92 -21.01
CA TRP A 309 -1.15 -2.22 -21.67
C TRP A 309 -0.32 -3.21 -22.49
N GLU A 310 0.32 -2.70 -23.53
CA GLU A 310 1.13 -3.59 -24.39
C GLU A 310 2.29 -2.79 -24.96
N ARG A 311 3.35 -3.50 -25.28
CA ARG A 311 4.59 -2.93 -25.85
C ARG A 311 5.11 -3.85 -26.95
N PRO A 312 5.39 -3.28 -28.16
CA PRO A 312 6.04 -4.03 -29.22
C PRO A 312 7.53 -4.21 -28.90
N LEU A 313 8.03 -5.43 -29.10
CA LEU A 313 9.44 -5.80 -28.84
C LEU A 313 10.12 -6.24 -30.15
N SER A 314 11.45 -6.28 -30.15
CA SER A 314 12.32 -6.92 -31.17
C SER A 314 11.76 -8.29 -31.54
N GLY A 315 11.92 -8.66 -32.80
CA GLY A 315 11.69 -10.02 -33.32
C GLY A 315 10.29 -10.53 -33.10
N LEU A 316 9.28 -9.77 -33.46
CA LEU A 316 7.86 -10.25 -33.45
C LEU A 316 7.40 -10.68 -32.05
N ALA A 317 7.97 -10.11 -30.99
CA ALA A 317 7.51 -10.35 -29.60
C ALA A 317 6.69 -9.13 -29.16
N TRP A 318 5.76 -9.36 -28.25
CA TRP A 318 5.04 -8.33 -27.47
C TRP A 318 5.09 -8.63 -25.97
N ALA A 319 5.13 -7.57 -25.17
CA ALA A 319 4.82 -7.60 -23.73
C ALA A 319 3.36 -7.15 -23.53
N VAL A 320 2.62 -7.82 -22.67
CA VAL A 320 1.25 -7.40 -22.29
C VAL A 320 1.12 -7.37 -20.77
N ALA A 321 0.58 -6.28 -20.25
CA ALA A 321 0.37 -6.05 -18.80
C ALA A 321 -1.13 -5.87 -18.58
N MET A 322 -1.66 -6.58 -17.58
CA MET A 322 -3.08 -6.51 -17.14
C MET A 322 -3.08 -6.14 -15.67
N ILE A 323 -3.66 -4.97 -15.39
CA ILE A 323 -3.72 -4.34 -14.04
C ILE A 323 -5.15 -4.47 -13.51
N ASN A 324 -5.28 -4.86 -12.25
CA ASN A 324 -6.57 -4.89 -11.53
C ASN A 324 -6.60 -3.68 -10.61
N ARG A 325 -7.38 -2.66 -10.96
CA ARG A 325 -7.42 -1.40 -10.18
C ARG A 325 -8.52 -1.51 -9.10
N GLN A 326 -9.22 -2.65 -8.99
CA GLN A 326 -10.25 -2.80 -7.93
C GLN A 326 -9.53 -3.10 -6.61
N GLU A 327 -9.73 -2.24 -5.60
CA GLU A 327 -8.98 -2.29 -4.30
C GLU A 327 -9.88 -2.89 -3.23
N ILE A 328 -10.58 -3.96 -3.57
CA ILE A 328 -11.45 -4.70 -2.62
C ILE A 328 -11.64 -6.09 -3.22
N GLY A 329 -11.92 -7.10 -2.42
CA GLY A 329 -12.19 -8.44 -2.94
C GLY A 329 -10.91 -9.19 -3.21
N GLY A 330 -10.96 -10.14 -4.13
CA GLY A 330 -9.91 -11.13 -4.39
C GLY A 330 -9.46 -11.06 -5.85
N PRO A 331 -8.60 -12.01 -6.28
CA PRO A 331 -8.11 -12.05 -7.65
C PRO A 331 -9.32 -12.06 -8.59
N ARG A 332 -9.33 -11.14 -9.56
CA ARG A 332 -10.47 -10.95 -10.47
C ARG A 332 -10.12 -11.53 -11.84
N SER A 333 -11.06 -12.25 -12.44
CA SER A 333 -10.90 -12.90 -13.76
C SER A 333 -10.95 -11.86 -14.88
N TYR A 334 -10.01 -11.92 -15.80
CA TYR A 334 -9.99 -11.06 -17.01
C TYR A 334 -9.66 -11.92 -18.22
N THR A 335 -10.41 -11.75 -19.31
CA THR A 335 -10.20 -12.49 -20.57
C THR A 335 -10.16 -11.49 -21.72
N ILE A 336 -9.25 -11.73 -22.66
CA ILE A 336 -9.16 -10.92 -23.90
C ILE A 336 -8.84 -11.89 -25.04
N ALA A 337 -9.42 -11.66 -26.22
CA ALA A 337 -9.06 -12.34 -27.49
C ALA A 337 -7.59 -12.03 -27.76
N VAL A 338 -6.78 -13.06 -28.03
CA VAL A 338 -5.33 -12.81 -28.31
C VAL A 338 -5.23 -12.06 -29.65
N ALA A 339 -6.24 -12.16 -30.52
CA ALA A 339 -6.30 -11.37 -31.79
C ALA A 339 -6.41 -9.86 -31.51
N SER A 340 -6.84 -9.43 -30.32
CA SER A 340 -6.97 -7.98 -29.99
C SER A 340 -5.60 -7.45 -29.56
N LEU A 341 -4.63 -8.34 -29.35
CA LEU A 341 -3.30 -7.96 -28.77
C LEU A 341 -2.30 -7.73 -29.89
N GLY A 342 -1.36 -6.82 -29.67
CA GLY A 342 -0.26 -6.53 -30.61
C GLY A 342 -0.79 -6.27 -32.01
N LYS A 343 -1.84 -5.47 -32.12
CA LYS A 343 -2.37 -4.94 -33.40
C LYS A 343 -2.88 -6.07 -34.29
N GLY A 344 -3.14 -7.25 -33.76
CA GLY A 344 -3.66 -8.38 -34.54
C GLY A 344 -2.57 -9.25 -35.10
N VAL A 345 -1.29 -8.96 -34.86
CA VAL A 345 -0.20 -9.80 -35.41
C VAL A 345 0.51 -10.64 -34.35
N ALA A 346 0.33 -10.36 -33.06
CA ALA A 346 1.15 -11.02 -32.02
C ALA A 346 0.92 -12.53 -32.14
N CYS A 347 -0.33 -12.95 -32.35
CA CYS A 347 -0.77 -14.36 -32.27
C CYS A 347 -1.45 -14.82 -33.57
N ASN A 348 -1.04 -14.26 -34.71
CA ASN A 348 -1.47 -14.67 -36.06
C ASN A 348 -0.27 -15.34 -36.72
N PRO A 349 -0.25 -16.67 -36.95
CA PRO A 349 -1.40 -17.57 -36.72
C PRO A 349 -1.55 -18.10 -35.28
N ALA A 350 -0.49 -17.94 -34.49
CA ALA A 350 -0.39 -18.40 -33.09
C ALA A 350 0.79 -17.72 -32.42
N CYS A 351 0.80 -17.73 -31.09
CA CYS A 351 1.93 -17.25 -30.27
C CYS A 351 2.11 -18.19 -29.09
N PHE A 352 3.33 -18.29 -28.60
CA PHE A 352 3.65 -18.89 -27.30
C PHE A 352 3.64 -17.76 -26.25
N ILE A 353 2.93 -18.00 -25.16
CA ILE A 353 2.77 -16.98 -24.07
C ILE A 353 3.50 -17.47 -22.84
N THR A 354 4.37 -16.63 -22.31
CA THR A 354 4.99 -16.82 -20.97
C THR A 354 4.51 -15.73 -20.02
N GLN A 355 4.00 -16.10 -18.85
CA GLN A 355 3.81 -15.17 -17.73
C GLN A 355 5.19 -14.92 -17.11
N LEU A 356 5.49 -13.66 -16.85
CA LEU A 356 6.77 -13.21 -16.21
C LEU A 356 6.46 -12.71 -14.79
N LEU A 357 5.35 -12.00 -14.58
CA LEU A 357 4.94 -11.51 -13.25
C LEU A 357 3.48 -11.88 -13.04
N PRO A 358 3.03 -12.14 -11.79
CA PRO A 358 3.91 -12.03 -10.62
C PRO A 358 4.87 -13.21 -10.43
N VAL A 359 4.69 -14.31 -11.16
CA VAL A 359 5.65 -15.45 -11.20
C VAL A 359 5.83 -15.87 -12.64
N LYS A 360 7.01 -16.38 -12.96
CA LYS A 360 7.30 -16.92 -14.30
C LYS A 360 6.57 -18.25 -14.49
N ARG A 361 5.72 -18.37 -15.52
CA ARG A 361 5.30 -19.70 -16.01
C ARG A 361 4.86 -19.66 -17.47
N LYS A 362 5.21 -20.71 -18.19
CA LYS A 362 4.83 -20.96 -19.59
C LYS A 362 3.35 -21.29 -19.60
N LEU A 363 2.55 -20.53 -20.34
CA LEU A 363 1.09 -20.78 -20.44
C LEU A 363 0.80 -21.63 -21.67
N GLY A 364 1.70 -21.65 -22.66
CA GLY A 364 1.60 -22.53 -23.83
C GLY A 364 1.27 -21.76 -25.10
N PHE A 365 0.83 -22.52 -26.10
CA PHE A 365 0.51 -22.04 -27.46
C PHE A 365 -0.92 -21.53 -27.46
N TYR A 366 -1.12 -20.33 -28.02
CA TYR A 366 -2.44 -19.69 -28.23
C TYR A 366 -2.58 -19.50 -29.74
N GLU A 367 -3.71 -19.93 -30.31
CA GLU A 367 -4.05 -19.75 -31.74
C GLU A 367 -4.67 -18.35 -31.88
N TRP A 368 -4.64 -17.80 -33.09
CA TRP A 368 -5.26 -16.50 -33.44
C TRP A 368 -6.72 -16.45 -32.96
N THR A 369 -7.41 -17.60 -32.83
CA THR A 369 -8.83 -17.64 -32.39
C THR A 369 -8.96 -17.60 -30.86
N SER A 370 -7.86 -17.71 -30.12
CA SER A 370 -7.86 -18.04 -28.66
C SER A 370 -8.25 -16.81 -27.83
N ARG A 371 -8.65 -17.07 -26.59
CA ARG A 371 -8.84 -16.04 -25.53
C ARG A 371 -7.84 -16.31 -24.42
N LEU A 372 -7.17 -15.28 -23.94
CA LEU A 372 -6.28 -15.40 -22.78
C LEU A 372 -7.10 -15.05 -21.52
N ARG A 373 -7.24 -15.99 -20.59
CA ARG A 373 -7.96 -15.80 -19.30
C ARG A 373 -6.93 -15.70 -18.17
N SER A 374 -7.03 -14.67 -17.35
CA SER A 374 -6.10 -14.47 -16.20
C SER A 374 -6.88 -14.02 -14.95
N HIS A 375 -6.43 -14.44 -13.78
CA HIS A 375 -6.85 -13.92 -12.46
C HIS A 375 -5.79 -12.91 -12.01
N ILE A 376 -6.20 -11.67 -11.74
CA ILE A 376 -5.28 -10.56 -11.39
C ILE A 376 -5.62 -10.04 -9.98
N ASN A 377 -4.61 -10.00 -9.13
CA ASN A 377 -4.69 -9.62 -7.71
C ASN A 377 -5.06 -8.15 -7.67
N PRO A 378 -5.91 -7.71 -6.72
CA PRO A 378 -6.17 -6.30 -6.53
C PRO A 378 -4.88 -5.48 -6.37
N THR A 379 -4.76 -4.40 -7.16
CA THR A 379 -3.58 -3.49 -7.28
C THR A 379 -2.37 -4.22 -7.87
N GLY A 380 -2.57 -5.48 -8.30
CA GLY A 380 -1.52 -6.25 -8.98
C GLY A 380 -1.60 -6.12 -10.50
N THR A 381 -0.63 -6.70 -11.15
CA THR A 381 -0.44 -6.78 -12.62
C THR A 381 0.01 -8.19 -12.98
N VAL A 382 -0.52 -8.71 -14.08
CA VAL A 382 0.06 -9.91 -14.76
C VAL A 382 0.81 -9.36 -15.97
N LEU A 383 2.10 -9.68 -16.06
CA LEU A 383 2.97 -9.34 -17.21
C LEU A 383 3.19 -10.61 -18.00
N LEU A 384 2.92 -10.54 -19.30
CA LEU A 384 3.06 -11.66 -20.26
C LEU A 384 4.03 -11.28 -21.37
N GLN A 385 4.75 -12.27 -21.86
CA GLN A 385 5.54 -12.14 -23.12
C GLN A 385 4.93 -13.09 -24.14
N LEU A 386 4.60 -12.53 -25.30
CA LEU A 386 4.03 -13.24 -26.46
C LEU A 386 5.11 -13.35 -27.53
N GLU A 387 5.37 -14.57 -28.03
CA GLU A 387 6.33 -14.90 -29.14
C GLU A 387 5.53 -15.49 -30.31
N ASN A 388 5.57 -14.83 -31.44
CA ASN A 388 4.84 -15.29 -32.66
C ASN A 388 5.54 -16.56 -33.14
N THR A 389 4.77 -17.56 -33.58
CA THR A 389 5.29 -18.90 -34.03
C THR A 389 6.12 -18.80 -35.33
N MET A 390 5.83 -17.82 -36.20
CA MET A 390 6.66 -17.51 -37.41
C MET A 390 7.98 -16.87 -36.96
N LEU B 1 -24.44 -4.00 25.74
CA LEU B 1 -25.50 -5.06 25.90
C LEU B 1 -25.10 -6.01 27.04
N ASP B 2 -25.96 -6.12 28.05
CA ASP B 2 -25.70 -6.93 29.28
C ASP B 2 -26.19 -8.37 29.08
N ASN B 3 -25.75 -9.03 27.99
CA ASN B 3 -26.06 -10.46 27.71
C ASN B 3 -24.89 -11.32 28.21
N GLY B 4 -23.91 -10.72 28.88
CA GLY B 4 -22.72 -11.45 29.37
C GLY B 4 -21.78 -11.90 28.26
N LEU B 5 -21.97 -11.39 27.03
CA LEU B 5 -21.06 -11.74 25.90
C LEU B 5 -20.14 -10.56 25.55
N ALA B 6 -19.08 -10.83 24.79
CA ALA B 6 -18.22 -9.77 24.24
C ALA B 6 -17.65 -8.96 25.41
N ARG B 7 -17.21 -9.65 26.46
CA ARG B 7 -16.57 -9.03 27.66
C ARG B 7 -15.19 -8.52 27.24
N THR B 8 -14.56 -9.19 26.27
CA THR B 8 -13.47 -8.61 25.45
C THR B 8 -13.96 -8.46 24.01
N PRO B 9 -13.27 -7.65 23.18
CA PRO B 9 -13.65 -7.53 21.77
C PRO B 9 -13.73 -8.90 21.10
N THR B 10 -14.82 -9.16 20.36
CA THR B 10 -15.05 -10.45 19.66
C THR B 10 -13.95 -10.64 18.59
N MET B 11 -13.45 -11.88 18.45
CA MET B 11 -12.41 -12.24 17.46
C MET B 11 -12.95 -13.34 16.54
N GLY B 12 -12.65 -13.24 15.24
CA GLY B 12 -12.92 -14.32 14.28
C GLY B 12 -12.71 -13.89 12.86
N TRP B 13 -13.53 -14.42 11.98
CA TRP B 13 -13.35 -14.32 10.51
C TRP B 13 -14.73 -14.05 9.92
N LEU B 14 -14.73 -13.15 8.96
CA LEU B 14 -15.91 -12.67 8.23
C LEU B 14 -15.54 -12.58 6.75
N HIS B 15 -16.38 -13.10 5.86
CA HIS B 15 -16.03 -13.29 4.43
C HIS B 15 -16.05 -11.97 3.64
N TRP B 16 -16.72 -10.92 4.13
CA TRP B 16 -17.18 -9.83 3.23
C TRP B 16 -16.03 -9.18 2.43
N GLU B 17 -15.04 -8.60 3.08
CA GLU B 17 -14.07 -7.78 2.31
C GLU B 17 -13.39 -8.64 1.22
N ARG B 18 -13.00 -9.88 1.53
CA ARG B 18 -12.23 -10.75 0.60
C ARG B 18 -13.17 -11.41 -0.42
N PHE B 19 -14.35 -11.89 -0.03
CA PHE B 19 -15.20 -12.73 -0.94
C PHE B 19 -16.46 -12.00 -1.42
N MET B 20 -16.90 -10.97 -0.69
CA MET B 20 -18.04 -10.08 -1.07
C MET B 20 -19.27 -10.92 -1.45
N CYS B 21 -19.95 -10.59 -2.57
CA CYS B 21 -21.20 -11.23 -3.01
C CYS B 21 -20.94 -12.05 -4.29
N ASN B 22 -19.95 -12.94 -4.28
CA ASN B 22 -19.62 -13.76 -5.46
C ASN B 22 -20.60 -14.93 -5.53
N LEU B 23 -21.60 -14.90 -6.43
CA LEU B 23 -22.63 -15.96 -6.55
C LEU B 23 -22.28 -16.93 -7.69
N ASP B 24 -21.22 -16.66 -8.46
CA ASP B 24 -20.86 -17.44 -9.67
C ASP B 24 -20.03 -18.67 -9.27
N CYS B 25 -20.68 -19.72 -8.78
CA CYS B 25 -20.00 -20.97 -8.34
C CYS B 25 -19.53 -21.81 -9.54
N GLN B 26 -20.00 -21.51 -10.76
CA GLN B 26 -19.61 -22.24 -11.99
C GLN B 26 -18.24 -21.73 -12.43
N GLU B 27 -18.06 -20.41 -12.57
CA GLU B 27 -16.82 -19.80 -13.13
C GLU B 27 -15.84 -19.33 -12.04
N GLU B 28 -16.27 -19.12 -10.79
CA GLU B 28 -15.39 -18.66 -9.68
C GLU B 28 -15.67 -19.51 -8.45
N PRO B 29 -15.54 -20.86 -8.54
CA PRO B 29 -15.91 -21.73 -7.42
C PRO B 29 -15.09 -21.53 -6.13
N ASP B 30 -13.81 -21.16 -6.26
CA ASP B 30 -12.90 -21.00 -5.09
C ASP B 30 -13.25 -19.76 -4.26
N SER B 31 -13.92 -18.77 -4.85
CA SER B 31 -14.25 -17.52 -4.14
C SER B 31 -15.78 -17.30 -4.05
N CYS B 32 -16.61 -18.28 -4.41
CA CYS B 32 -18.08 -18.10 -4.35
C CYS B 32 -18.60 -18.40 -2.94
N ILE B 33 -19.62 -17.67 -2.51
CA ILE B 33 -20.19 -17.84 -1.14
C ILE B 33 -20.98 -19.16 -1.07
N SER B 34 -20.36 -20.20 -0.49
CA SER B 34 -20.86 -21.60 -0.45
C SER B 34 -20.57 -22.21 0.92
N GLU B 35 -21.34 -23.22 1.31
CA GLU B 35 -21.06 -23.98 2.54
C GLU B 35 -19.63 -24.53 2.49
N LYS B 36 -19.14 -24.88 1.29
CA LYS B 36 -17.82 -25.55 1.16
C LYS B 36 -16.73 -24.53 1.54
N LEU B 37 -16.90 -23.26 1.15
CA LEU B 37 -15.93 -22.20 1.51
C LEU B 37 -15.82 -22.09 3.04
N PHE B 38 -16.96 -22.08 3.73
CA PHE B 38 -17.03 -21.88 5.20
C PHE B 38 -16.44 -23.11 5.91
N MET B 39 -16.82 -24.28 5.44
CA MET B 39 -16.31 -25.56 6.00
C MET B 39 -14.79 -25.56 5.84
N GLU B 40 -14.29 -25.15 4.68
CA GLU B 40 -12.83 -25.16 4.45
C GLU B 40 -12.17 -24.16 5.39
N MET B 41 -12.72 -22.94 5.56
CA MET B 41 -12.15 -21.92 6.47
C MET B 41 -12.10 -22.49 7.90
N ALA B 42 -13.19 -23.14 8.32
CA ALA B 42 -13.34 -23.76 9.65
C ALA B 42 -12.19 -24.73 9.90
N GLU B 43 -11.93 -25.67 8.98
CA GLU B 43 -10.82 -26.66 9.16
C GLU B 43 -9.52 -25.88 9.36
N LEU B 44 -9.30 -24.84 8.55
CA LEU B 44 -8.02 -24.11 8.57
C LEU B 44 -7.94 -23.30 9.86
N MET B 45 -9.05 -22.75 10.34
CA MET B 45 -9.05 -21.97 11.61
C MET B 45 -8.53 -22.89 12.73
N VAL B 46 -8.96 -24.15 12.73
CA VAL B 46 -8.40 -25.16 13.67
C VAL B 46 -6.95 -25.47 13.31
N SER B 47 -6.70 -25.99 12.11
CA SER B 47 -5.40 -26.65 11.81
C SER B 47 -4.26 -25.63 11.73
N GLU B 48 -4.52 -24.35 11.47
CA GLU B 48 -3.45 -23.34 11.20
C GLU B 48 -3.31 -22.37 12.38
N GLY B 49 -3.90 -22.69 13.54
CA GLY B 49 -3.60 -22.06 14.84
C GLY B 49 -4.44 -20.81 15.11
N TRP B 50 -5.48 -20.56 14.33
CA TRP B 50 -6.28 -19.33 14.44
C TRP B 50 -7.13 -19.41 15.73
N LYS B 51 -7.82 -20.53 15.92
CA LYS B 51 -8.65 -20.84 17.11
C LYS B 51 -7.80 -20.64 18.39
N ASP B 52 -6.62 -21.24 18.42
CA ASP B 52 -5.66 -21.13 19.55
C ASP B 52 -5.28 -19.67 19.80
N ALA B 53 -5.20 -18.81 18.79
CA ALA B 53 -4.81 -17.39 18.95
C ALA B 53 -6.02 -16.60 19.46
N GLY B 54 -7.23 -17.14 19.34
CA GLY B 54 -8.46 -16.53 19.89
C GLY B 54 -9.53 -16.25 18.84
N TYR B 55 -9.25 -16.45 17.56
CA TYR B 55 -10.25 -16.24 16.48
C TYR B 55 -11.23 -17.40 16.53
N GLU B 56 -12.46 -17.14 16.98
CA GLU B 56 -13.42 -18.16 17.48
C GLU B 56 -14.64 -18.17 16.59
N TYR B 57 -15.05 -17.00 16.09
CA TYR B 57 -16.32 -16.82 15.36
C TYR B 57 -16.06 -16.91 13.84
N LEU B 58 -16.67 -17.90 13.19
CA LEU B 58 -16.69 -18.02 11.71
C LEU B 58 -17.98 -17.37 11.22
N CYS B 59 -17.90 -16.24 10.54
CA CYS B 59 -19.06 -15.40 10.22
C CYS B 59 -19.38 -15.35 8.73
N ILE B 60 -20.65 -15.60 8.42
CA ILE B 60 -21.25 -15.43 7.08
C ILE B 60 -21.80 -14.01 7.04
N ASP B 61 -21.48 -13.27 5.98
CA ASP B 61 -21.99 -11.92 5.71
C ASP B 61 -23.14 -12.05 4.71
N ASP B 62 -23.45 -10.98 4.00
CA ASP B 62 -24.52 -10.96 2.96
C ASP B 62 -24.33 -12.09 1.92
N CYS B 63 -25.43 -12.51 1.29
CA CYS B 63 -25.50 -13.38 0.08
C CYS B 63 -25.42 -14.87 0.46
N TRP B 64 -25.94 -15.23 1.64
CA TRP B 64 -26.13 -16.65 2.06
C TRP B 64 -27.56 -17.13 1.75
N MET B 65 -28.49 -16.19 1.53
CA MET B 65 -29.96 -16.44 1.51
C MET B 65 -30.45 -16.92 0.13
N ALA B 66 -31.43 -17.82 0.11
CA ALA B 66 -32.37 -18.00 -1.02
C ALA B 66 -33.01 -16.66 -1.38
N PRO B 67 -33.42 -16.41 -2.64
CA PRO B 67 -34.06 -15.13 -3.00
C PRO B 67 -35.39 -14.83 -2.29
N GLN B 68 -36.04 -15.84 -1.71
CA GLN B 68 -37.41 -15.77 -1.12
C GLN B 68 -37.49 -16.62 0.16
N ARG B 69 -38.34 -16.21 1.11
CA ARG B 69 -38.66 -17.02 2.31
C ARG B 69 -39.45 -18.27 1.85
N ASP B 70 -39.44 -19.33 2.67
CA ASP B 70 -40.15 -20.61 2.39
C ASP B 70 -41.67 -20.38 2.48
N SER B 71 -42.46 -21.45 2.34
CA SER B 71 -43.95 -21.44 2.45
C SER B 71 -44.37 -21.10 3.90
N GLU B 72 -43.51 -21.44 4.87
CA GLU B 72 -43.71 -21.15 6.31
C GLU B 72 -43.18 -19.75 6.67
N GLY B 73 -42.73 -18.93 5.71
CA GLY B 73 -42.33 -17.52 5.90
C GLY B 73 -41.00 -17.33 6.66
N ARG B 74 -40.22 -18.40 6.81
N ARG B 74 -40.23 -18.41 6.82
CA ARG B 74 -38.86 -18.38 7.40
CA ARG B 74 -38.85 -18.41 7.40
C ARG B 74 -37.82 -18.12 6.29
C ARG B 74 -37.82 -18.14 6.29
N LEU B 75 -36.67 -17.55 6.65
CA LEU B 75 -35.50 -17.40 5.75
C LEU B 75 -34.95 -18.79 5.38
N GLN B 76 -34.39 -18.96 4.18
CA GLN B 76 -33.71 -20.22 3.83
C GLN B 76 -32.33 -19.92 3.24
N ALA B 77 -31.37 -20.77 3.53
CA ALA B 77 -30.05 -20.78 2.86
C ALA B 77 -30.33 -20.98 1.36
N ASP B 78 -29.54 -20.37 0.48
CA ASP B 78 -29.57 -20.66 -0.97
C ASP B 78 -29.47 -22.16 -1.14
N PRO B 79 -30.39 -22.82 -1.88
CA PRO B 79 -30.35 -24.28 -2.04
C PRO B 79 -29.12 -24.79 -2.84
N GLN B 80 -28.70 -24.08 -3.88
CA GLN B 80 -27.51 -24.47 -4.70
C GLN B 80 -26.22 -24.31 -3.88
N ARG B 81 -25.98 -23.18 -3.23
CA ARG B 81 -24.65 -22.84 -2.63
C ARG B 81 -24.59 -23.37 -1.19
N PHE B 82 -25.74 -23.59 -0.53
CA PHE B 82 -25.82 -24.13 0.85
C PHE B 82 -26.77 -25.32 0.92
N PRO B 83 -26.59 -26.36 0.07
CA PRO B 83 -27.58 -27.43 -0.04
C PRO B 83 -27.88 -28.14 1.29
N HIS B 84 -26.92 -28.18 2.23
CA HIS B 84 -27.04 -28.91 3.52
C HIS B 84 -27.60 -28.01 4.64
N GLY B 85 -27.89 -26.73 4.32
CA GLY B 85 -28.58 -25.78 5.23
C GLY B 85 -27.70 -25.27 6.35
N ILE B 86 -28.17 -24.23 7.06
CA ILE B 86 -27.42 -23.53 8.13
C ILE B 86 -27.20 -24.48 9.31
N ARG B 87 -28.21 -25.29 9.66
CA ARG B 87 -28.16 -26.17 10.85
C ARG B 87 -26.95 -27.12 10.76
N GLN B 88 -26.75 -27.76 9.61
CA GLN B 88 -25.67 -28.74 9.41
C GLN B 88 -24.33 -28.01 9.40
N LEU B 89 -24.24 -26.81 8.79
CA LEU B 89 -23.01 -25.98 8.83
C LEU B 89 -22.65 -25.67 10.30
N ALA B 90 -23.64 -25.26 11.09
CA ALA B 90 -23.55 -25.00 12.56
C ALA B 90 -22.95 -26.21 13.29
N ASN B 91 -23.45 -27.42 13.02
CA ASN B 91 -22.96 -28.67 13.67
C ASN B 91 -21.48 -28.87 13.32
N TYR B 92 -21.12 -28.65 12.06
CA TYR B 92 -19.74 -28.82 11.54
C TYR B 92 -18.84 -27.83 12.28
N VAL B 93 -19.27 -26.56 12.26
CA VAL B 93 -18.52 -25.43 12.89
C VAL B 93 -18.36 -25.70 14.40
N HIS B 94 -19.44 -26.04 15.11
CA HIS B 94 -19.39 -26.38 16.56
C HIS B 94 -18.46 -27.59 16.77
N SER B 95 -18.44 -28.56 15.86
CA SER B 95 -17.66 -29.82 16.04
C SER B 95 -16.16 -29.51 16.09
N LYS B 96 -15.74 -28.39 15.49
CA LYS B 96 -14.30 -28.00 15.38
C LYS B 96 -13.93 -27.10 16.57
N GLY B 97 -14.90 -26.71 17.39
CA GLY B 97 -14.69 -25.86 18.58
C GLY B 97 -14.99 -24.39 18.31
N LEU B 98 -15.62 -24.07 17.19
CA LEU B 98 -15.80 -22.65 16.79
C LEU B 98 -17.27 -22.29 16.94
N LYS B 99 -17.59 -21.01 16.77
CA LYS B 99 -18.98 -20.49 16.78
C LYS B 99 -19.27 -19.93 15.40
N LEU B 100 -20.53 -19.99 14.99
CA LEU B 100 -20.96 -19.52 13.67
C LEU B 100 -21.68 -18.19 13.84
N GLY B 101 -21.34 -17.24 12.96
CA GLY B 101 -22.04 -15.96 12.79
C GLY B 101 -22.78 -15.94 11.48
N ILE B 102 -23.80 -15.09 11.39
CA ILE B 102 -24.63 -14.93 10.18
C ILE B 102 -25.06 -13.47 10.14
N TYR B 103 -25.68 -13.05 9.05
CA TYR B 103 -25.94 -11.65 8.65
C TYR B 103 -27.43 -11.54 8.40
N ALA B 104 -28.03 -10.38 8.68
CA ALA B 104 -29.40 -10.04 8.25
C ALA B 104 -29.56 -8.53 8.28
N ASP B 105 -30.73 -8.03 7.91
CA ASP B 105 -30.94 -6.58 7.68
C ASP B 105 -32.27 -6.19 8.33
N VAL B 106 -32.19 -5.18 9.19
CA VAL B 106 -33.31 -4.58 9.97
C VAL B 106 -34.46 -4.20 9.02
N GLY B 107 -34.14 -3.88 7.76
CA GLY B 107 -35.08 -3.32 6.77
C GLY B 107 -35.76 -4.39 5.93
N ASN B 108 -36.08 -4.05 4.68
CA ASN B 108 -36.93 -4.86 3.77
C ASN B 108 -36.09 -5.82 2.91
N LYS B 109 -34.87 -5.43 2.56
CA LYS B 109 -33.88 -6.27 1.81
C LYS B 109 -32.50 -6.13 2.46
N THR B 110 -31.67 -7.19 2.41
CA THR B 110 -30.20 -7.08 2.68
C THR B 110 -29.65 -6.04 1.70
N CYS B 111 -28.46 -5.50 1.94
CA CYS B 111 -27.84 -4.50 1.03
C CYS B 111 -27.62 -5.13 -0.37
N ALA B 112 -27.48 -6.46 -0.47
CA ALA B 112 -27.33 -7.18 -1.76
C ALA B 112 -28.69 -7.49 -2.37
N GLY B 113 -29.80 -7.29 -1.65
CA GLY B 113 -31.15 -7.40 -2.22
C GLY B 113 -31.88 -8.67 -1.81
N PHE B 114 -31.32 -9.44 -0.87
CA PHE B 114 -31.95 -10.68 -0.32
C PHE B 114 -32.96 -10.30 0.77
N PRO B 115 -33.85 -11.24 1.19
CA PRO B 115 -34.94 -10.91 2.11
C PRO B 115 -34.54 -10.19 3.40
N GLY B 116 -35.08 -8.97 3.61
CA GLY B 116 -34.99 -8.18 4.85
C GLY B 116 -35.77 -8.82 5.99
N SER B 117 -35.53 -8.37 7.22
CA SER B 117 -36.06 -9.02 8.45
C SER B 117 -37.28 -8.27 9.00
N PHE B 118 -37.58 -7.08 8.48
CA PHE B 118 -38.75 -6.27 8.88
C PHE B 118 -40.05 -7.10 8.67
N GLY B 119 -40.87 -7.16 9.71
CA GLY B 119 -42.09 -7.99 9.75
C GLY B 119 -41.82 -9.37 10.33
N TYR B 120 -40.56 -9.80 10.48
CA TYR B 120 -40.20 -11.20 10.84
C TYR B 120 -39.15 -11.28 11.96
N TYR B 121 -38.90 -10.19 12.69
CA TYR B 121 -37.79 -10.11 13.68
C TYR B 121 -37.80 -11.37 14.55
N ASP B 122 -38.98 -11.74 15.07
CA ASP B 122 -39.09 -12.77 16.13
C ASP B 122 -38.90 -14.16 15.52
N ILE B 123 -39.49 -14.40 14.34
CA ILE B 123 -39.33 -15.72 13.65
C ILE B 123 -37.88 -15.86 13.17
N ASP B 124 -37.32 -14.82 12.53
CA ASP B 124 -35.90 -14.81 12.08
C ASP B 124 -34.98 -15.10 13.28
N ALA B 125 -35.17 -14.36 14.38
CA ALA B 125 -34.40 -14.54 15.63
C ALA B 125 -34.50 -15.99 16.10
N GLN B 126 -35.69 -16.57 16.04
CA GLN B 126 -35.95 -17.97 16.47
C GLN B 126 -35.29 -18.92 15.45
N THR B 127 -35.37 -18.58 14.15
CA THR B 127 -34.75 -19.37 13.06
C THR B 127 -33.25 -19.51 13.37
N PHE B 128 -32.56 -18.40 13.64
CA PHE B 128 -31.09 -18.39 13.89
C PHE B 128 -30.81 -19.28 15.10
N ALA B 129 -31.64 -19.14 16.15
CA ALA B 129 -31.45 -19.85 17.43
C ALA B 129 -31.60 -21.37 17.22
N ASP B 130 -32.62 -21.79 16.47
CA ASP B 130 -32.85 -23.22 16.09
C ASP B 130 -31.64 -23.72 15.30
N TRP B 131 -31.12 -22.88 14.40
CA TRP B 131 -29.98 -23.21 13.50
C TRP B 131 -28.69 -23.41 14.30
N GLY B 132 -28.55 -22.77 15.45
CA GLY B 132 -27.34 -22.89 16.29
C GLY B 132 -26.36 -21.73 16.03
N VAL B 133 -26.89 -20.62 15.53
CA VAL B 133 -26.15 -19.34 15.30
C VAL B 133 -25.71 -18.79 16.65
N ASP B 134 -24.46 -18.30 16.73
CA ASP B 134 -23.83 -17.80 17.97
C ASP B 134 -23.56 -16.28 17.85
N LEU B 135 -23.77 -15.70 16.66
CA LEU B 135 -23.54 -14.26 16.39
C LEU B 135 -24.43 -13.84 15.24
N LEU B 136 -25.01 -12.65 15.33
CA LEU B 136 -25.72 -12.01 14.21
C LEU B 136 -25.08 -10.65 13.96
N LYS B 137 -24.80 -10.37 12.70
CA LYS B 137 -24.45 -9.05 12.14
C LYS B 137 -25.72 -8.52 11.48
N PHE B 138 -26.11 -7.29 11.80
CA PHE B 138 -27.46 -6.77 11.50
C PHE B 138 -27.28 -5.42 10.84
N ASP B 139 -27.55 -5.39 9.54
CA ASP B 139 -27.22 -4.27 8.63
C ASP B 139 -28.46 -3.37 8.56
N GLY B 140 -28.33 -2.19 7.97
CA GLY B 140 -29.34 -1.12 8.03
C GLY B 140 -29.84 -0.70 6.65
N CYS B 141 -29.59 -1.49 5.60
CA CYS B 141 -30.07 -1.11 4.24
C CYS B 141 -31.60 -1.25 4.21
N TYR B 142 -32.24 -0.43 3.37
CA TYR B 142 -33.67 -0.56 3.01
C TYR B 142 -34.52 -0.38 4.28
N CYS B 143 -34.23 0.70 5.00
CA CYS B 143 -34.97 1.19 6.19
C CYS B 143 -35.50 2.61 5.92
N ASP B 144 -36.83 2.76 6.01
CA ASP B 144 -37.62 3.98 5.63
C ASP B 144 -37.26 5.19 6.49
N SER B 145 -37.10 4.99 7.79
CA SER B 145 -37.11 6.05 8.81
C SER B 145 -36.11 5.74 9.92
N LEU B 146 -35.57 6.79 10.54
CA LEU B 146 -34.81 6.70 11.80
C LEU B 146 -35.59 5.88 12.82
N GLU B 147 -36.93 6.03 12.81
CA GLU B 147 -37.83 5.39 13.80
C GLU B 147 -37.79 3.88 13.59
N ASN B 148 -37.96 3.44 12.34
CA ASN B 148 -37.88 2.00 11.95
C ASN B 148 -36.50 1.46 12.31
N LEU B 149 -35.43 2.15 11.89
CA LEU B 149 -34.02 1.73 12.15
C LEU B 149 -33.90 1.37 13.63
N ALA B 150 -34.18 2.35 14.48
CA ALA B 150 -34.11 2.28 15.96
C ALA B 150 -35.03 1.17 16.48
N ASP B 151 -36.29 1.17 16.03
CA ASP B 151 -37.31 0.17 16.45
C ASP B 151 -36.78 -1.24 16.12
N GLY B 152 -36.33 -1.42 14.87
CA GLY B 152 -35.83 -2.72 14.38
C GLY B 152 -34.66 -3.22 15.21
N TYR B 153 -33.64 -2.38 15.40
CA TYR B 153 -32.41 -2.77 16.16
C TYR B 153 -32.84 -3.17 17.56
N LYS B 154 -33.66 -2.31 18.22
CA LYS B 154 -34.14 -2.57 19.60
C LYS B 154 -34.95 -3.87 19.63
N HIS B 155 -35.82 -4.09 18.63
CA HIS B 155 -36.72 -5.27 18.55
C HIS B 155 -35.89 -6.55 18.39
N MET B 156 -35.01 -6.57 17.38
CA MET B 156 -34.17 -7.76 17.09
C MET B 156 -33.33 -8.13 18.32
N SER B 157 -32.83 -7.12 19.06
CA SER B 157 -32.08 -7.36 20.31
C SER B 157 -32.93 -8.14 21.32
N LEU B 158 -34.16 -7.69 21.59
CA LEU B 158 -35.06 -8.35 22.57
C LEU B 158 -35.48 -9.71 22.00
N ALA B 159 -35.78 -9.76 20.71
CA ALA B 159 -36.14 -11.03 20.02
C ALA B 159 -35.04 -12.06 20.26
N LEU B 160 -33.78 -11.70 20.02
CA LEU B 160 -32.66 -12.67 20.21
C LEU B 160 -32.64 -13.10 21.67
N ASN B 161 -32.75 -12.12 22.58
CA ASN B 161 -32.82 -12.36 24.04
C ASN B 161 -33.90 -13.42 24.36
N ARG B 162 -35.14 -13.19 23.90
CA ARG B 162 -36.32 -14.07 24.17
C ARG B 162 -35.96 -15.53 23.87
N THR B 163 -35.13 -15.80 22.87
CA THR B 163 -34.77 -17.18 22.43
C THR B 163 -34.00 -17.90 23.53
N GLY B 164 -33.37 -17.14 24.45
CA GLY B 164 -32.56 -17.75 25.51
C GLY B 164 -31.32 -18.47 24.98
N ARG B 165 -30.92 -18.21 23.72
CA ARG B 165 -29.58 -18.61 23.20
C ARG B 165 -28.62 -17.41 23.33
N SER B 166 -27.39 -17.69 23.76
CA SER B 166 -26.27 -16.72 23.72
C SER B 166 -25.93 -16.42 22.25
N ILE B 167 -26.17 -15.18 21.82
CA ILE B 167 -25.95 -14.71 20.44
C ILE B 167 -25.32 -13.32 20.49
N VAL B 168 -24.03 -13.21 20.17
CA VAL B 168 -23.36 -11.89 20.04
C VAL B 168 -24.19 -11.08 19.05
N TYR B 169 -24.46 -9.82 19.34
CA TYR B 169 -25.34 -8.96 18.52
C TYR B 169 -24.53 -7.78 18.00
N SER B 170 -24.28 -7.76 16.70
CA SER B 170 -23.38 -6.81 16.00
C SER B 170 -24.22 -5.96 15.06
N CYS B 171 -24.25 -4.65 15.29
CA CYS B 171 -25.24 -3.67 14.76
C CYS B 171 -24.52 -2.66 13.88
N GLU B 172 -25.20 -2.12 12.86
CA GLU B 172 -24.64 -1.05 12.00
C GLU B 172 -25.43 0.25 12.26
N TRP B 173 -26.24 0.24 13.32
CA TRP B 173 -27.20 1.30 13.71
C TRP B 173 -26.53 2.68 13.61
N PRO B 174 -25.40 2.97 14.30
CA PRO B 174 -24.83 4.31 14.24
C PRO B 174 -24.51 4.78 12.81
N LEU B 175 -24.01 3.87 11.99
CA LEU B 175 -23.50 4.13 10.62
C LEU B 175 -24.67 4.59 9.73
N TYR B 176 -25.84 4.00 9.88
CA TYR B 176 -27.02 4.33 9.05
C TYR B 176 -27.75 5.57 9.59
N MET B 177 -27.30 6.16 10.70
CA MET B 177 -27.92 7.37 11.33
C MET B 177 -27.23 8.65 10.89
N TRP B 178 -25.90 8.63 10.68
CA TRP B 178 -25.05 9.83 10.40
C TRP B 178 -25.62 10.68 9.28
N PRO B 179 -26.19 10.11 8.19
CA PRO B 179 -26.80 10.94 7.14
C PRO B 179 -27.90 11.87 7.65
N PHE B 180 -28.50 11.58 8.81
CA PHE B 180 -29.67 12.29 9.41
C PHE B 180 -29.28 13.04 10.68
N GLN B 181 -28.93 12.32 11.75
CA GLN B 181 -28.60 12.91 13.08
C GLN B 181 -27.47 12.13 13.76
N LYS B 182 -26.63 12.85 14.52
CA LYS B 182 -25.66 12.30 15.51
C LYS B 182 -26.30 11.09 16.20
N PRO B 183 -25.62 9.94 16.32
CA PRO B 183 -26.15 8.82 17.09
C PRO B 183 -26.10 9.10 18.60
N ASN B 184 -26.89 8.38 19.40
CA ASN B 184 -26.86 8.37 20.89
C ASN B 184 -26.23 7.04 21.32
N TYR B 185 -24.97 7.08 21.74
CA TYR B 185 -24.14 5.85 21.92
C TYR B 185 -24.57 5.10 23.19
N THR B 186 -25.13 5.78 24.18
CA THR B 186 -25.65 5.15 25.42
C THR B 186 -26.88 4.27 25.10
N GLU B 187 -27.72 4.71 24.18
CA GLU B 187 -28.88 3.93 23.69
C GLU B 187 -28.32 2.68 22.97
N ILE B 188 -27.46 2.89 21.97
CA ILE B 188 -26.90 1.84 21.07
C ILE B 188 -26.26 0.76 21.94
N ARG B 189 -25.46 1.18 22.90
CA ARG B 189 -24.72 0.30 23.84
C ARG B 189 -25.67 -0.65 24.57
N GLN B 190 -26.83 -0.14 25.01
CA GLN B 190 -27.85 -0.90 25.79
C GLN B 190 -28.26 -2.17 25.03
N TYR B 191 -28.40 -2.01 23.71
CA TYR B 191 -29.01 -3.01 22.78
C TYR B 191 -27.95 -3.87 22.10
N CYS B 192 -26.75 -3.34 21.83
CA CYS B 192 -25.73 -3.97 20.94
C CYS B 192 -24.41 -4.30 21.66
N ASN B 193 -23.84 -5.47 21.33
CA ASN B 193 -22.49 -5.92 21.75
C ASN B 193 -21.38 -5.22 20.95
N HIS B 194 -21.62 -4.82 19.70
CA HIS B 194 -20.69 -3.88 19.01
C HIS B 194 -21.40 -3.23 17.83
N TRP B 195 -20.81 -2.15 17.35
CA TRP B 195 -21.52 -1.27 16.41
C TRP B 195 -20.51 -0.65 15.44
N ARG B 196 -20.84 -0.76 14.16
CA ARG B 196 -20.10 -0.12 13.05
C ARG B 196 -20.42 1.37 13.11
N ASN B 197 -19.38 2.21 13.06
CA ASN B 197 -19.49 3.69 13.12
C ASN B 197 -19.29 4.31 11.74
N PHE B 198 -18.43 3.71 10.91
CA PHE B 198 -17.89 4.38 9.70
C PHE B 198 -18.02 3.48 8.47
N ALA B 199 -17.80 4.04 7.28
CA ALA B 199 -17.88 3.41 5.95
C ALA B 199 -17.02 2.12 5.86
N ASP B 200 -17.48 1.15 5.08
CA ASP B 200 -16.86 -0.19 4.89
C ASP B 200 -15.35 -0.06 4.62
N ILE B 201 -14.53 -0.86 5.27
CA ILE B 201 -13.07 -0.89 4.94
C ILE B 201 -12.92 -1.50 3.54
N ASP B 202 -11.86 -1.14 2.84
CA ASP B 202 -11.41 -1.95 1.68
C ASP B 202 -9.89 -2.18 1.81
N ASP B 203 -9.31 -2.82 0.81
CA ASP B 203 -7.93 -3.35 0.87
C ASP B 203 -7.01 -2.23 0.40
N SER B 204 -6.89 -1.17 1.19
CA SER B 204 -6.10 0.04 0.81
C SER B 204 -5.64 0.80 2.05
N TRP B 205 -4.43 1.33 1.96
CA TRP B 205 -3.86 2.26 2.96
C TRP B 205 -4.79 3.47 3.13
N LYS B 206 -5.35 3.99 2.03
CA LYS B 206 -6.28 5.14 2.06
C LYS B 206 -7.44 4.81 3.01
N SER B 207 -7.95 3.59 2.98
CA SER B 207 -9.14 3.16 3.75
C SER B 207 -8.76 3.07 5.23
N ILE B 208 -7.58 2.56 5.54
CA ILE B 208 -7.06 2.55 6.93
C ILE B 208 -6.94 4.00 7.43
N LYS B 209 -6.27 4.87 6.69
CA LYS B 209 -6.01 6.28 7.11
C LYS B 209 -7.36 6.97 7.38
N SER B 210 -8.32 6.71 6.51
CA SER B 210 -9.64 7.35 6.55
C SER B 210 -10.37 6.88 7.82
N ILE B 211 -10.29 5.60 8.21
CA ILE B 211 -10.91 5.06 9.44
C ILE B 211 -10.20 5.64 10.68
N LEU B 212 -8.87 5.75 10.67
CA LEU B 212 -8.12 6.29 11.83
C LEU B 212 -8.46 7.78 12.00
N ASP B 213 -8.51 8.53 10.90
CA ASP B 213 -8.79 9.99 10.91
C ASP B 213 -10.23 10.25 11.37
N TRP B 214 -11.22 9.44 10.97
CA TRP B 214 -12.60 9.64 11.45
C TRP B 214 -12.65 9.36 12.96
N THR B 215 -11.94 8.32 13.40
CA THR B 215 -11.94 7.84 14.81
C THR B 215 -11.32 8.90 15.73
N SER B 216 -10.15 9.43 15.37
CA SER B 216 -9.42 10.40 16.20
C SER B 216 -10.17 11.74 16.17
N PHE B 217 -10.83 12.06 15.06
CA PHE B 217 -11.64 13.31 14.92
C PHE B 217 -12.84 13.23 15.87
N ASN B 218 -13.44 12.04 16.00
CA ASN B 218 -14.71 11.79 16.70
C ASN B 218 -14.46 11.17 18.08
N GLN B 219 -13.23 11.14 18.58
CA GLN B 219 -12.90 10.25 19.73
C GLN B 219 -13.64 10.67 21.03
N GLU B 220 -13.83 11.98 21.26
CA GLU B 220 -14.56 12.49 22.46
C GLU B 220 -15.98 11.92 22.46
N ARG B 221 -16.55 11.68 21.28
CA ARG B 221 -17.94 11.16 21.17
C ARG B 221 -18.01 9.66 21.47
N ILE B 222 -16.96 8.88 21.22
CA ILE B 222 -17.13 7.39 21.08
C ILE B 222 -16.24 6.61 22.02
N VAL B 223 -15.09 7.16 22.45
CA VAL B 223 -14.08 6.35 23.22
C VAL B 223 -14.66 5.87 24.54
N ASP B 224 -15.23 6.77 25.36
CA ASP B 224 -15.71 6.45 26.74
C ASP B 224 -16.93 5.50 26.71
N VAL B 225 -17.67 5.42 25.60
CA VAL B 225 -18.85 4.51 25.45
C VAL B 225 -18.42 3.06 25.50
N ALA B 226 -17.22 2.76 25.00
CA ALA B 226 -16.73 1.39 24.75
C ALA B 226 -16.33 0.76 26.07
N GLY B 227 -16.52 -0.55 26.20
CA GLY B 227 -16.15 -1.29 27.42
C GLY B 227 -16.76 -2.68 27.38
N PRO B 228 -16.47 -3.55 28.36
CA PRO B 228 -16.95 -4.92 28.32
C PRO B 228 -18.43 -4.95 27.94
N GLY B 229 -18.78 -5.73 26.92
CA GLY B 229 -20.17 -5.97 26.48
C GLY B 229 -20.58 -5.06 25.35
N GLY B 230 -19.77 -4.05 25.04
CA GLY B 230 -20.10 -2.98 24.06
C GLY B 230 -18.85 -2.34 23.50
N TRP B 231 -18.58 -2.53 22.19
CA TRP B 231 -17.35 -2.03 21.51
C TRP B 231 -17.71 -1.26 20.25
N ASN B 232 -16.86 -0.28 19.96
CA ASN B 232 -16.80 0.43 18.66
C ASN B 232 -16.21 -0.55 17.65
N ASP B 233 -16.83 -0.66 16.46
CA ASP B 233 -16.40 -1.56 15.37
C ASP B 233 -15.91 -0.72 14.19
N PRO B 234 -14.57 -0.59 14.01
CA PRO B 234 -14.00 0.10 12.86
C PRO B 234 -13.85 -0.75 11.58
N ASP B 235 -14.50 -1.92 11.53
CA ASP B 235 -14.58 -2.86 10.39
C ASP B 235 -13.39 -3.83 10.37
N MET B 236 -13.32 -4.66 9.34
CA MET B 236 -12.55 -5.94 9.36
C MET B 236 -11.04 -5.67 9.29
N LEU B 237 -10.26 -6.58 9.85
CA LEU B 237 -8.82 -6.74 9.50
C LEU B 237 -8.73 -7.25 8.06
N VAL B 238 -7.88 -6.59 7.28
CA VAL B 238 -7.64 -6.93 5.85
C VAL B 238 -6.16 -7.33 5.68
N ILE B 239 -5.45 -7.55 6.78
CA ILE B 239 -4.07 -8.14 6.75
C ILE B 239 -4.15 -9.52 6.07
N GLY B 240 -3.22 -9.80 5.17
CA GLY B 240 -3.15 -11.09 4.46
C GLY B 240 -3.67 -10.99 3.06
N ASN B 241 -4.23 -9.83 2.66
CA ASN B 241 -4.77 -9.62 1.30
C ASN B 241 -3.69 -8.93 0.45
N PHE B 242 -4.00 -7.88 -0.31
CA PHE B 242 -3.19 -7.48 -1.48
C PHE B 242 -2.73 -6.02 -1.44
N GLY B 243 -3.44 -5.15 -0.69
CA GLY B 243 -3.36 -3.68 -0.86
C GLY B 243 -2.45 -2.98 0.12
N LEU B 244 -2.08 -3.65 1.20
CA LEU B 244 -1.31 -3.04 2.30
C LEU B 244 0.13 -3.56 2.24
N SER B 245 1.09 -2.65 2.35
CA SER B 245 2.51 -2.99 2.60
C SER B 245 2.63 -3.60 3.99
N TRP B 246 3.78 -4.21 4.27
CA TRP B 246 4.09 -4.76 5.61
C TRP B 246 3.84 -3.68 6.66
N ASN B 247 4.39 -2.48 6.44
CA ASN B 247 4.27 -1.37 7.40
C ASN B 247 2.79 -1.02 7.59
N GLN B 248 1.99 -1.00 6.53
CA GLN B 248 0.56 -0.61 6.67
C GLN B 248 -0.21 -1.70 7.40
N GLN B 249 0.23 -2.96 7.29
CA GLN B 249 -0.41 -4.12 7.97
C GLN B 249 -0.14 -4.03 9.46
N VAL B 250 1.10 -3.74 9.84
CA VAL B 250 1.56 -3.50 11.24
C VAL B 250 0.72 -2.34 11.83
N THR B 251 0.49 -1.28 11.07
CA THR B 251 -0.30 -0.11 11.52
C THR B 251 -1.76 -0.56 11.79
N GLN B 252 -2.35 -1.38 10.92
CA GLN B 252 -3.75 -1.82 11.19
C GLN B 252 -3.78 -2.65 12.49
N MET B 253 -2.90 -3.63 12.61
CA MET B 253 -2.92 -4.56 13.76
C MET B 253 -2.65 -3.76 15.03
N ALA B 254 -1.61 -2.91 15.07
CA ALA B 254 -1.31 -2.03 16.22
C ALA B 254 -2.56 -1.23 16.63
N LEU B 255 -3.23 -0.58 15.68
CA LEU B 255 -4.24 0.46 16.01
C LEU B 255 -5.57 -0.24 16.29
N TRP B 256 -5.80 -1.43 15.76
CA TRP B 256 -7.02 -2.19 16.13
C TRP B 256 -6.90 -2.65 17.60
N ALA B 257 -5.69 -2.94 18.08
CA ALA B 257 -5.39 -3.27 19.51
C ALA B 257 -5.60 -2.04 20.39
N ILE B 258 -5.09 -0.88 19.96
CA ILE B 258 -5.27 0.41 20.68
C ILE B 258 -6.76 0.70 20.81
N MET B 259 -7.55 0.49 19.75
CA MET B 259 -8.97 0.95 19.68
C MET B 259 -9.94 -0.05 20.32
N ALA B 260 -9.45 -1.15 20.87
CA ALA B 260 -10.29 -2.22 21.47
C ALA B 260 -11.36 -2.61 20.46
N ALA B 261 -10.91 -2.81 19.22
CA ALA B 261 -11.76 -3.20 18.09
C ALA B 261 -12.04 -4.69 18.19
N PRO B 262 -13.25 -5.12 17.77
CA PRO B 262 -13.42 -6.53 17.42
C PRO B 262 -12.41 -6.79 16.28
N LEU B 263 -11.83 -7.99 16.28
CA LEU B 263 -10.82 -8.44 15.30
C LEU B 263 -11.52 -9.48 14.45
N PHE B 264 -12.13 -9.04 13.36
CA PHE B 264 -12.70 -9.91 12.31
C PHE B 264 -11.78 -9.85 11.09
N MET B 265 -10.92 -10.85 10.92
CA MET B 265 -10.13 -11.08 9.69
C MET B 265 -11.10 -11.25 8.53
N SER B 266 -10.83 -10.59 7.41
CA SER B 266 -11.49 -10.92 6.13
C SER B 266 -10.38 -11.13 5.11
N ASN B 267 -9.99 -12.37 4.93
CA ASN B 267 -8.84 -12.77 4.10
C ASN B 267 -9.12 -14.19 3.60
N ASP B 268 -8.17 -14.81 2.90
CA ASP B 268 -8.28 -16.24 2.52
C ASP B 268 -7.26 -17.03 3.31
N LEU B 269 -7.72 -17.79 4.31
CA LEU B 269 -6.81 -18.52 5.22
C LEU B 269 -6.07 -19.63 4.47
N ARG B 270 -6.52 -19.99 3.26
CA ARG B 270 -5.88 -21.02 2.39
C ARG B 270 -4.63 -20.43 1.70
N HIS B 271 -4.54 -19.10 1.59
CA HIS B 271 -3.46 -18.41 0.82
C HIS B 271 -3.05 -17.18 1.62
N ILE B 272 -2.19 -17.36 2.61
CA ILE B 272 -1.76 -16.24 3.49
C ILE B 272 -0.28 -16.43 3.79
N SER B 273 0.53 -15.38 3.61
CA SER B 273 1.98 -15.39 3.87
C SER B 273 2.21 -15.71 5.33
N PRO B 274 3.29 -16.45 5.67
CA PRO B 274 3.73 -16.64 7.05
C PRO B 274 3.85 -15.33 7.85
N GLN B 275 4.41 -14.29 7.23
CA GLN B 275 4.58 -12.95 7.84
C GLN B 275 3.20 -12.40 8.27
N ALA B 276 2.17 -12.45 7.41
CA ALA B 276 0.82 -11.90 7.71
C ALA B 276 0.20 -12.75 8.83
N LYS B 277 0.45 -14.06 8.78
CA LYS B 277 -0.10 -15.03 9.75
C LYS B 277 0.50 -14.73 11.12
N ALA B 278 1.83 -14.54 11.20
CA ALA B 278 2.53 -14.26 12.46
C ALA B 278 2.01 -12.96 13.07
N LEU B 279 1.74 -11.92 12.27
CA LEU B 279 1.22 -10.63 12.79
C LEU B 279 -0.19 -10.84 13.35
N LEU B 280 -1.08 -11.48 12.60
CA LEU B 280 -2.48 -11.70 13.03
C LEU B 280 -2.51 -12.63 14.26
N GLN B 281 -1.52 -13.51 14.43
CA GLN B 281 -1.47 -14.48 15.56
C GLN B 281 -0.53 -13.98 16.66
N ASP B 282 -0.05 -12.72 16.59
CA ASP B 282 0.92 -12.15 17.56
C ASP B 282 0.27 -12.08 18.95
N LYS B 283 0.65 -13.03 19.83
CA LYS B 283 0.04 -13.29 21.17
C LYS B 283 0.02 -12.01 22.00
N ASP B 284 1.11 -11.23 21.97
CA ASP B 284 1.27 -10.01 22.79
C ASP B 284 0.37 -8.87 22.29
N VAL B 285 0.14 -8.77 20.98
CA VAL B 285 -0.71 -7.67 20.45
C VAL B 285 -2.16 -8.09 20.65
N ILE B 286 -2.49 -9.36 20.50
CA ILE B 286 -3.86 -9.87 20.78
C ILE B 286 -4.16 -9.57 22.25
N ALA B 287 -3.18 -9.80 23.14
CA ALA B 287 -3.31 -9.58 24.60
C ALA B 287 -3.63 -8.10 24.89
N ILE B 288 -3.07 -7.15 24.13
CA ILE B 288 -3.48 -5.72 24.27
C ILE B 288 -4.95 -5.57 23.82
N ASN B 289 -5.33 -6.11 22.67
CA ASN B 289 -6.71 -5.95 22.17
C ASN B 289 -7.67 -6.53 23.22
N GLN B 290 -7.30 -7.66 23.82
CA GLN B 290 -8.18 -8.48 24.70
C GLN B 290 -8.00 -8.09 26.18
N ASP B 291 -7.37 -6.94 26.47
CA ASP B 291 -7.08 -6.51 27.85
C ASP B 291 -8.38 -6.43 28.66
N PRO B 292 -8.48 -7.17 29.79
CA PRO B 292 -9.73 -7.28 30.55
C PRO B 292 -10.27 -5.95 31.10
N LEU B 293 -9.42 -4.95 31.37
CA LEU B 293 -9.91 -3.59 31.72
C LEU B 293 -10.89 -3.11 30.65
N GLY B 294 -10.58 -3.33 29.36
CA GLY B 294 -11.53 -3.01 28.29
C GLY B 294 -11.81 -1.53 28.17
N LYS B 295 -10.81 -0.67 28.33
CA LYS B 295 -10.96 0.78 28.04
C LYS B 295 -10.29 1.09 26.69
N GLN B 296 -11.06 1.70 25.78
CA GLN B 296 -10.61 2.02 24.41
C GLN B 296 -9.53 3.10 24.49
N GLY B 297 -8.50 3.01 23.65
CA GLY B 297 -7.43 4.02 23.59
C GLY B 297 -7.83 5.18 22.73
N TYR B 298 -6.88 6.04 22.39
CA TYR B 298 -7.19 7.36 21.78
C TYR B 298 -5.91 7.95 21.23
N GLN B 299 -6.07 9.01 20.46
CA GLN B 299 -4.94 9.78 19.90
C GLN B 299 -4.51 10.82 20.93
N LEU B 300 -3.27 10.70 21.39
CA LEU B 300 -2.68 11.61 22.39
C LEU B 300 -2.22 12.87 21.68
N ARG B 301 -1.62 12.75 20.50
CA ARG B 301 -0.92 13.85 19.80
C ARG B 301 -0.94 13.60 18.29
N GLN B 302 -0.87 14.68 17.53
CA GLN B 302 -0.82 14.71 16.04
C GLN B 302 -0.03 15.97 15.67
N GLY B 303 0.73 15.93 14.57
CA GLY B 303 1.50 17.07 14.08
C GLY B 303 2.77 16.61 13.42
N ASP B 304 3.17 17.29 12.33
CA ASP B 304 4.44 17.01 11.61
C ASP B 304 4.38 15.59 11.03
N ASN B 305 3.21 15.19 10.54
CA ASN B 305 2.93 13.83 10.01
C ASN B 305 3.37 12.74 11.00
N PHE B 306 3.19 13.00 12.30
CA PHE B 306 3.29 11.97 13.38
C PHE B 306 1.97 11.90 14.12
N GLU B 307 1.62 10.71 14.55
CA GLU B 307 0.52 10.51 15.51
C GLU B 307 1.07 9.67 16.65
N VAL B 308 0.63 9.98 17.87
CA VAL B 308 0.86 9.15 19.10
C VAL B 308 -0.52 8.77 19.63
N TRP B 309 -0.78 7.49 19.67
CA TRP B 309 -1.96 6.91 20.35
C TRP B 309 -1.51 6.15 21.60
N GLU B 310 -2.39 6.05 22.60
CA GLU B 310 -2.13 5.20 23.79
C GLU B 310 -3.43 4.56 24.27
N ARG B 311 -3.30 3.47 25.00
CA ARG B 311 -4.45 2.75 25.61
C ARG B 311 -4.04 2.30 27.00
N PRO B 312 -4.87 2.60 28.02
CA PRO B 312 -4.67 2.09 29.38
C PRO B 312 -5.04 0.60 29.44
N LEU B 313 -4.19 -0.19 30.07
CA LEU B 313 -4.33 -1.65 30.26
C LEU B 313 -4.48 -1.96 31.76
N SER B 314 -4.99 -3.15 32.09
CA SER B 314 -4.98 -3.73 33.46
C SER B 314 -3.61 -3.50 34.10
N GLY B 315 -3.59 -3.10 35.36
CA GLY B 315 -2.37 -3.26 36.17
C GLY B 315 -1.39 -2.16 35.94
N LEU B 316 -1.86 -0.95 35.65
CA LEU B 316 -1.03 0.27 35.47
C LEU B 316 -0.07 0.13 34.27
N ALA B 317 -0.40 -0.71 33.29
CA ALA B 317 0.33 -0.82 32.00
C ALA B 317 -0.39 0.05 30.96
N TRP B 318 0.38 0.50 29.97
CA TRP B 318 -0.11 1.25 28.79
C TRP B 318 0.49 0.68 27.51
N ALA B 319 -0.33 0.63 26.46
CA ALA B 319 0.11 0.44 25.07
C ALA B 319 0.25 1.82 24.41
N VAL B 320 1.35 2.02 23.70
CA VAL B 320 1.67 3.28 22.97
C VAL B 320 2.00 2.93 21.51
N ALA B 321 1.33 3.61 20.58
CA ALA B 321 1.53 3.44 19.13
C ALA B 321 2.01 4.77 18.58
N MET B 322 3.13 4.75 17.86
CA MET B 322 3.65 5.93 17.13
C MET B 322 3.55 5.65 15.61
N ILE B 323 2.82 6.50 14.90
CA ILE B 323 2.54 6.35 13.44
C ILE B 323 3.30 7.45 12.72
N ASN B 324 4.03 7.07 11.67
CA ASN B 324 4.66 8.02 10.71
C ASN B 324 3.71 8.10 9.52
N ARG B 325 3.07 9.26 9.33
CA ARG B 325 2.09 9.49 8.24
C ARG B 325 2.77 10.13 7.03
N GLN B 326 4.09 10.38 7.08
CA GLN B 326 4.87 10.85 5.90
C GLN B 326 5.03 9.66 4.94
N GLU B 327 4.66 9.85 3.66
CA GLU B 327 4.64 8.75 2.65
C GLU B 327 5.77 8.95 1.65
N ILE B 328 6.94 9.36 2.15
CA ILE B 328 8.15 9.66 1.36
C ILE B 328 9.33 9.54 2.33
N GLY B 329 10.51 9.31 1.81
CA GLY B 329 11.74 9.26 2.62
C GLY B 329 11.84 7.97 3.39
N GLY B 330 12.51 8.06 4.55
CA GLY B 330 13.01 6.92 5.33
C GLY B 330 12.43 6.94 6.75
N PRO B 331 12.89 6.02 7.62
CA PRO B 331 12.42 5.98 9.01
C PRO B 331 12.70 7.33 9.69
N ARG B 332 11.71 7.91 10.38
CA ARG B 332 11.86 9.22 11.07
C ARG B 332 12.03 8.99 12.58
N SER B 333 12.92 9.76 13.19
CA SER B 333 13.14 9.78 14.65
C SER B 333 11.96 10.50 15.33
N TYR B 334 11.46 9.95 16.41
CA TYR B 334 10.50 10.66 17.30
C TYR B 334 10.98 10.45 18.73
N THR B 335 11.05 11.53 19.52
CA THR B 335 11.40 11.43 20.96
C THR B 335 10.25 12.04 21.77
N ILE B 336 9.95 11.45 22.92
CA ILE B 336 8.88 11.94 23.84
C ILE B 336 9.34 11.62 25.27
N ALA B 337 9.01 12.52 26.19
CA ALA B 337 9.20 12.32 27.64
C ALA B 337 8.30 11.17 28.02
N VAL B 338 8.81 10.14 28.67
CA VAL B 338 7.95 9.01 29.13
C VAL B 338 6.91 9.56 30.11
N ALA B 339 7.19 10.72 30.74
CA ALA B 339 6.27 11.44 31.67
C ALA B 339 4.99 11.86 30.94
N SER B 340 5.03 12.15 29.64
CA SER B 340 3.85 12.58 28.83
C SER B 340 2.98 11.38 28.43
N LEU B 341 3.48 10.16 28.58
CA LEU B 341 2.73 8.93 28.24
C LEU B 341 1.97 8.45 29.49
N GLY B 342 0.85 7.76 29.26
CA GLY B 342 0.07 7.04 30.30
C GLY B 342 -0.42 7.99 31.38
N LYS B 343 -0.71 9.24 31.00
CA LYS B 343 -1.20 10.32 31.89
C LYS B 343 -0.19 10.53 33.02
N GLY B 344 1.11 10.34 32.77
CA GLY B 344 2.16 10.47 33.79
C GLY B 344 2.16 9.36 34.83
N VAL B 345 1.30 8.36 34.68
CA VAL B 345 1.14 7.23 35.63
C VAL B 345 2.05 6.07 35.22
N ALA B 346 2.21 5.83 33.92
CA ALA B 346 2.82 4.60 33.38
C ALA B 346 4.24 4.46 33.92
N CYS B 347 5.04 5.53 33.92
CA CYS B 347 6.51 5.46 34.23
C CYS B 347 6.84 6.20 35.55
N ASN B 348 5.87 6.31 36.46
CA ASN B 348 6.05 6.86 37.84
C ASN B 348 6.10 5.71 38.85
N PRO B 349 7.25 5.42 39.50
CA PRO B 349 8.50 6.15 39.31
C PRO B 349 9.35 5.65 38.12
N ALA B 350 9.02 4.47 37.60
CA ALA B 350 9.68 3.90 36.40
C ALA B 350 8.71 2.99 35.64
N CYS B 351 9.04 2.72 34.37
CA CYS B 351 8.41 1.63 33.57
C CYS B 351 9.47 0.76 32.90
N PHE B 352 9.14 -0.48 32.65
CA PHE B 352 9.86 -1.35 31.71
C PHE B 352 9.12 -1.30 30.37
N ILE B 353 9.84 -0.97 29.31
CA ILE B 353 9.29 -0.80 27.93
C ILE B 353 9.73 -1.98 27.06
N THR B 354 8.76 -2.67 26.47
CA THR B 354 8.92 -3.69 25.43
C THR B 354 8.32 -3.16 24.11
N GLN B 355 9.13 -3.03 23.06
CA GLN B 355 8.63 -2.89 21.67
C GLN B 355 7.99 -4.20 21.28
N LEU B 356 6.74 -4.19 20.78
CA LEU B 356 6.02 -5.37 20.25
C LEU B 356 5.99 -5.36 18.69
N LEU B 357 5.87 -4.20 18.06
CA LEU B 357 5.82 -4.06 16.58
C LEU B 357 6.74 -2.92 16.17
N PRO B 358 7.45 -2.99 15.02
CA PRO B 358 7.33 -4.09 14.07
C PRO B 358 7.97 -5.41 14.53
N VAL B 359 8.91 -5.34 15.48
CA VAL B 359 9.58 -6.53 16.06
C VAL B 359 9.55 -6.41 17.59
N LYS B 360 9.55 -7.56 18.25
CA LYS B 360 9.57 -7.66 19.72
C LYS B 360 11.00 -7.40 20.22
N ARG B 361 11.22 -6.28 20.93
CA ARG B 361 12.52 -5.95 21.56
C ARG B 361 12.26 -5.37 22.96
N LYS B 362 12.83 -5.99 24.00
CA LYS B 362 12.94 -5.39 25.35
C LYS B 362 13.85 -4.17 25.25
N LEU B 363 13.33 -2.98 25.58
CA LEU B 363 14.06 -1.68 25.56
C LEU B 363 14.62 -1.32 26.96
N GLY B 364 14.10 -1.88 28.05
CA GLY B 364 14.63 -1.72 29.42
C GLY B 364 13.84 -0.74 30.30
N PHE B 365 14.45 -0.29 31.41
CA PHE B 365 13.82 0.57 32.45
C PHE B 365 13.93 2.03 32.02
N TYR B 366 12.82 2.75 32.08
CA TYR B 366 12.79 4.22 31.87
C TYR B 366 12.30 4.86 33.17
N GLU B 367 13.13 5.73 33.75
CA GLU B 367 12.81 6.54 34.95
C GLU B 367 11.74 7.54 34.52
N TRP B 368 10.87 7.94 35.44
CA TRP B 368 9.82 8.97 35.21
C TRP B 368 10.38 10.17 34.43
N THR B 369 11.65 10.56 34.64
CA THR B 369 12.26 11.74 33.97
C THR B 369 12.89 11.38 32.59
N SER B 370 12.88 10.10 32.17
CA SER B 370 13.52 9.60 30.92
C SER B 370 12.81 10.14 29.66
N ARG B 371 13.53 10.12 28.53
CA ARG B 371 13.00 10.27 27.14
C ARG B 371 13.05 8.91 26.44
N LEU B 372 11.99 8.62 25.68
CA LEU B 372 11.91 7.46 24.77
C LEU B 372 12.23 7.94 23.36
N ARG B 373 13.21 7.31 22.71
CA ARG B 373 13.62 7.64 21.31
C ARG B 373 13.28 6.46 20.41
N SER B 374 12.49 6.70 19.36
CA SER B 374 12.06 5.68 18.36
C SER B 374 12.37 6.19 16.94
N HIS B 375 12.51 5.24 16.02
CA HIS B 375 12.58 5.45 14.56
C HIS B 375 11.36 4.75 13.97
N ILE B 376 10.50 5.47 13.23
CA ILE B 376 9.22 4.88 12.72
C ILE B 376 9.22 4.89 11.19
N ASN B 377 8.98 3.74 10.58
CA ASN B 377 8.87 3.60 9.10
C ASN B 377 7.69 4.41 8.56
N PRO B 378 7.86 5.05 7.38
CA PRO B 378 6.74 5.61 6.62
C PRO B 378 5.56 4.62 6.46
N THR B 379 4.38 5.09 6.90
CA THR B 379 3.05 4.41 6.93
C THR B 379 3.07 3.26 7.95
N GLY B 380 4.14 3.10 8.70
CA GLY B 380 4.28 2.12 9.77
C GLY B 380 3.96 2.74 11.13
N THR B 381 3.97 1.88 12.13
CA THR B 381 3.69 2.16 13.55
C THR B 381 4.70 1.40 14.40
N VAL B 382 5.22 2.04 15.43
CA VAL B 382 5.91 1.35 16.55
C VAL B 382 4.89 1.18 17.67
N LEU B 383 4.64 -0.06 18.07
CA LEU B 383 3.80 -0.41 19.24
C LEU B 383 4.68 -0.81 20.41
N LEU B 384 4.49 -0.13 21.55
CA LEU B 384 5.23 -0.32 22.82
C LEU B 384 4.24 -0.74 23.91
N GLN B 385 4.69 -1.56 24.85
CA GLN B 385 3.97 -1.88 26.11
C GLN B 385 4.80 -1.30 27.25
N LEU B 386 4.18 -0.44 28.05
CA LEU B 386 4.79 0.25 29.20
C LEU B 386 4.24 -0.44 30.45
N GLU B 387 5.12 -1.06 31.25
CA GLU B 387 4.80 -1.74 32.54
C GLU B 387 5.27 -0.85 33.69
N ASN B 388 4.35 -0.33 34.51
CA ASN B 388 4.70 0.43 35.75
C ASN B 388 5.53 -0.46 36.69
N THR B 389 6.65 0.05 37.24
CA THR B 389 7.54 -0.74 38.14
C THR B 389 8.20 0.16 39.19
N MET B 390 8.59 -0.45 40.32
CA MET B 390 9.33 0.21 41.43
C MET B 390 10.83 0.08 41.19
N GLN B 391 11.27 -1.11 40.74
CA GLN B 391 12.67 -1.39 40.32
C GLN B 391 13.19 -0.20 39.50
N MET B 392 14.35 0.35 39.90
CA MET B 392 15.08 1.48 39.23
C MET B 392 14.33 2.81 39.45
C1 NAG C . 27.57 16.46 -29.76
C2 NAG C . 27.79 15.01 -29.40
C3 NAG C . 27.98 14.11 -30.59
C4 NAG C . 26.87 14.39 -31.57
C5 NAG C . 26.75 15.86 -31.86
C6 NAG C . 25.65 16.11 -32.88
C7 NAG C . 28.74 14.74 -27.22
C8 NAG C . 30.03 14.71 -26.47
N2 NAG C . 28.90 14.85 -28.54
O3 NAG C . 27.90 12.75 -30.16
O4 NAG C . 27.18 13.83 -32.80
O5 NAG C . 26.46 16.58 -30.65
O6 NAG C . 24.46 15.46 -32.49
O7 NAG C . 27.65 14.68 -26.66
C1 NAG C . 26.51 12.59 -33.10
C2 NAG C . 26.54 12.45 -34.62
C3 NAG C . 25.90 11.15 -35.04
C4 NAG C . 26.63 10.00 -34.35
C5 NAG C . 26.50 10.24 -32.85
C6 NAG C . 26.99 9.14 -31.92
C7 NAG C . 26.61 14.44 -36.06
C8 NAG C . 25.82 15.58 -36.67
N2 NAG C . 25.91 13.57 -35.32
O3 NAG C . 25.98 11.05 -36.46
O4 NAG C . 26.07 8.79 -34.88
O5 NAG C . 27.16 11.48 -32.49
O6 NAG C . 28.38 9.29 -31.69
O7 NAG C . 27.81 14.35 -36.23
C1 BMA C . 27.08 7.77 -34.96
C2 BMA C . 26.42 6.47 -34.59
C3 BMA C . 27.50 5.42 -34.34
C4 BMA C . 28.46 5.36 -35.54
C5 BMA C . 28.96 6.75 -35.97
C6 BMA C . 30.02 6.66 -37.11
O2 BMA C . 25.52 6.09 -35.64
O3 BMA C . 26.77 4.22 -33.98
O4 BMA C . 29.61 4.56 -35.22
O5 BMA C . 27.81 7.60 -36.21
O6 BMA C . 29.67 7.32 -38.33
C1 MAN C . 27.30 2.92 -34.30
C2 MAN C . 26.15 2.11 -34.90
C3 MAN C . 25.14 1.73 -33.83
C4 MAN C . 25.90 0.99 -32.73
C5 MAN C . 26.94 1.97 -32.14
C6 MAN C . 27.66 1.49 -30.87
O2 MAN C . 26.66 0.90 -35.50
O3 MAN C . 24.10 0.99 -34.46
O4 MAN C . 25.01 0.52 -31.72
O5 MAN C . 27.88 2.26 -33.16
O6 MAN C . 28.28 0.23 -31.09
C1 NAG D . 17.38 35.18 -11.63
C2 NAG D . 16.35 35.19 -12.74
C3 NAG D . 16.62 36.43 -13.59
C4 NAG D . 16.55 37.71 -12.74
C5 NAG D . 17.58 37.65 -11.60
C6 NAG D . 17.60 38.88 -10.66
C7 NAG D . 15.37 33.17 -13.75
C8 NAG D . 15.62 32.07 -14.75
N2 NAG D . 16.40 34.00 -13.58
O3 NAG D . 15.72 36.46 -14.71
O4 NAG D . 16.84 38.81 -13.61
O5 NAG D . 17.33 36.43 -10.88
O6 NAG D . 16.48 39.04 -9.77
O7 NAG D . 14.31 33.28 -13.15
C1 NAG D . 15.80 39.79 -13.54
C2 NAG D . 16.32 41.09 -14.16
C3 NAG D . 15.18 42.12 -14.36
C4 NAG D . 13.89 41.47 -14.87
C5 NAG D . 13.52 40.24 -14.04
C6 NAG D . 12.22 39.57 -14.49
C7 NAG D . 18.69 41.45 -13.59
C8 NAG D . 19.70 41.63 -12.49
N2 NAG D . 17.39 41.55 -13.27
O3 NAG D . 15.58 43.13 -15.30
O4 NAG D . 12.83 42.43 -14.82
O5 NAG D . 14.60 39.31 -14.16
O6 NAG D . 12.37 39.14 -15.84
O7 NAG D . 19.06 41.19 -14.72
C1 BMA D . 12.60 43.03 -16.11
C2 BMA D . 11.10 43.30 -16.21
C3 BMA D . 10.80 44.05 -17.51
C4 BMA D . 11.66 45.32 -17.56
C5 BMA D . 13.15 44.97 -17.50
C6 BMA D . 14.06 46.21 -17.44
O2 BMA D . 10.59 44.00 -15.05
O3 BMA D . 9.39 44.30 -17.61
O4 BMA D . 11.36 46.05 -18.75
O5 BMA D . 13.42 44.20 -16.31
O6 BMA D . 15.39 45.88 -17.85
C1 NAG E . 8.19 21.31 -32.50
C2 NAG E . 7.61 22.13 -33.64
C3 NAG E . 8.20 21.65 -34.95
C4 NAG E . 9.72 21.54 -34.93
C5 NAG E . 10.21 20.84 -33.67
C6 NAG E . 11.74 20.90 -33.54
C7 NAG E . 5.38 23.00 -33.27
C8 NAG E . 3.89 22.81 -33.37
N2 NAG E . 6.15 22.02 -33.71
O3 NAG E . 7.84 22.61 -35.92
O4 NAG E . 10.14 20.81 -36.09
O5 NAG E . 9.61 21.45 -32.52
O6 NAG E . 12.11 22.18 -33.02
O7 NAG E . 5.85 24.03 -32.78
C1 NAG E . 11.10 21.54 -36.88
C2 NAG E . 11.74 20.58 -37.85
C3 NAG E . 12.61 21.28 -38.91
C4 NAG E . 12.07 22.62 -39.41
C5 NAG E . 11.32 23.43 -38.35
C6 NAG E . 10.48 24.50 -39.01
C7 NAG E . 12.08 18.35 -36.96
C8 NAG E . 13.00 17.34 -36.38
N2 NAG E . 12.55 19.59 -37.13
O3 NAG E . 12.71 20.41 -40.06
O4 NAG E . 13.18 23.38 -39.86
O5 NAG E . 10.45 22.58 -37.60
O6 NAG E . 9.40 23.86 -39.70
O7 NAG E . 10.94 18.05 -37.29
C1 NAG F . -29.75 8.37 25.03
C2 NAG F . -30.47 9.43 25.87
C3 NAG F . -30.22 9.09 27.34
C4 NAG F . -30.93 7.78 27.62
C5 NAG F . -30.36 6.71 26.67
C6 NAG F . -31.02 5.35 26.87
C7 NAG F . -29.05 11.49 25.69
C8 NAG F . -27.76 10.85 26.17
N2 NAG F . -30.21 10.83 25.55
O3 NAG F . -30.68 10.10 28.24
O4 NAG F . -30.79 7.45 29.01
O5 NAG F . -30.47 7.16 25.30
O6 NAG F . -32.27 5.26 26.16
O7 NAG F . -29.06 12.68 25.42
C1 NAG F . -32.03 7.28 29.75
C2 NAG F . -31.88 8.00 31.08
C3 NAG F . -33.07 7.68 32.00
C4 NAG F . -34.38 7.96 31.28
C5 NAG F . -34.39 7.31 29.89
C6 NAG F . -35.65 7.68 29.12
C7 NAG F . -30.09 6.44 31.78
C8 NAG F . -28.64 6.35 32.17
N2 NAG F . -30.57 7.69 31.64
O3 NAG F . -32.99 8.48 33.18
O4 NAG F . -35.51 7.48 32.03
O5 NAG F . -33.24 7.74 29.16
O6 NAG F . -35.67 9.08 28.91
O7 NAG F . -30.77 5.45 31.59
C1 NAG G . -31.50 -11.37 28.21
C2 NAG G . -30.20 -12.09 28.42
C3 NAG G . -29.85 -12.14 29.90
C4 NAG G . -29.86 -10.75 30.50
C5 NAG G . -31.20 -10.08 30.18
C6 NAG G . -31.33 -8.64 30.69
C7 NAG G . -29.75 -13.77 26.72
C8 NAG G . -29.56 -15.24 26.51
N2 NAG G . -30.23 -13.45 27.91
O3 NAG G . -28.58 -12.78 30.04
O4 NAG G . -29.73 -10.87 31.92
O5 NAG G . -31.39 -10.06 28.76
O6 NAG G . -30.04 -8.20 31.12
O7 NAG G . -29.44 -12.90 25.88
C1 NAG G . -28.47 -10.48 32.48
C2 NAG G . -28.63 -10.17 33.98
C3 NAG G . -27.31 -9.91 34.67
C4 NAG G . -26.24 -10.87 34.19
C5 NAG G . -26.21 -11.03 32.67
C6 NAG G . -25.13 -11.97 32.16
C7 NAG G . -30.75 -9.14 34.53
C8 NAG G . -31.60 -7.89 34.47
N2 NAG G . -29.46 -9.00 34.19
O3 NAG G . -27.48 -10.13 36.07
O4 NAG G . -24.99 -10.34 34.64
O5 NAG G . -27.50 -11.51 32.29
O6 NAG G . -25.20 -13.25 32.79
O7 NAG G . -31.20 -10.23 34.82
C1 BMA G . -24.43 -11.28 35.56
C2 BMA G . -22.94 -11.04 35.69
C3 BMA G . -22.37 -12.19 36.49
C4 BMA G . -23.13 -12.38 37.82
C5 BMA G . -24.65 -12.30 37.66
C6 BMA G . -25.35 -12.12 39.00
O2 BMA G . -22.68 -9.79 36.34
O3 BMA G . -20.99 -11.92 36.80
O4 BMA G . -22.76 -13.66 38.34
O5 BMA G . -25.06 -11.20 36.84
O6 BMA G . -25.11 -10.77 39.40
C1 MAN G . -20.06 -12.82 36.11
C2 MAN G . -18.75 -12.72 36.85
C3 MAN G . -18.32 -11.26 36.80
C4 MAN G . -18.39 -10.59 35.40
C5 MAN G . -19.63 -11.04 34.61
C6 MAN G . -19.60 -10.69 33.12
O2 MAN G . -17.77 -13.65 36.30
O3 MAN G . -16.99 -11.27 37.29
O4 MAN G . -18.41 -9.15 35.50
O5 MAN G . -19.76 -12.46 34.77
O6 MAN G . -20.92 -10.82 32.57
C1 MAN G . -25.92 -10.37 40.52
C2 MAN G . -25.49 -8.94 40.86
C3 MAN G . -24.24 -8.90 41.76
C4 MAN G . -24.28 -9.96 42.86
C5 MAN G . -24.51 -11.33 42.22
C6 MAN G . -24.37 -12.51 43.18
O2 MAN G . -26.56 -8.19 41.45
O3 MAN G . -24.06 -7.59 42.31
O4 MAN G . -23.05 -9.96 43.62
O5 MAN G . -25.81 -11.27 41.64
O6 MAN G . -23.29 -13.36 42.75
C ACT H . 6.59 -6.57 -33.16
O ACT H . 6.72 -7.61 -32.49
OXT ACT H . 5.95 -6.52 -34.22
CH3 ACT H . 7.28 -5.31 -32.64
S SO4 I . -12.26 -9.17 -26.66
O1 SO4 I . -12.87 -8.86 -25.41
O2 SO4 I . -11.43 -10.32 -26.50
O3 SO4 I . -11.47 -8.07 -27.14
O4 SO4 I . -13.29 -9.49 -27.62
S SO4 J . 17.43 12.58 -31.56
O1 SO4 J . 17.47 13.97 -31.21
O2 SO4 J . 17.74 11.77 -30.40
O3 SO4 J . 18.41 12.27 -32.57
O4 SO4 J . 16.11 12.28 -32.08
S SO4 K . -1.97 -13.01 -43.59
O1 SO4 K . -1.02 -12.90 -42.52
O2 SO4 K . -3.16 -12.26 -43.26
O3 SO4 K . -1.40 -12.51 -44.80
O4 SO4 K . -2.33 -14.39 -43.77
S SO4 L . 6.90 33.62 -20.45
O1 SO4 L . 6.95 35.03 -20.15
O2 SO4 L . 6.80 32.88 -19.22
O3 SO4 L . 5.75 33.35 -21.27
O4 SO4 L . 8.11 33.25 -21.16
S SO4 M . 37.08 9.03 -17.22
O1 SO4 M . 36.87 10.05 -16.23
O2 SO4 M . 37.11 7.73 -16.58
O3 SO4 M . 38.33 9.24 -17.89
O4 SO4 M . 36.01 9.05 -18.19
S SO4 N . -2.62 20.17 -29.26
O1 SO4 N . -2.77 19.21 -28.18
O2 SO4 N . -3.17 21.43 -28.84
O3 SO4 N . -3.35 19.69 -30.40
O4 SO4 N . -1.24 20.33 -29.60
C1 EDO O . -2.12 22.21 -20.72
O1 EDO O . -3.34 21.49 -20.60
C2 EDO O . -2.30 23.65 -20.98
O2 EDO O . -1.45 24.45 -20.20
C1 EDO P . -5.14 13.84 -15.77
O1 EDO P . -4.08 14.77 -15.71
C2 EDO P . -4.68 12.45 -16.04
O2 EDO P . -4.96 11.49 -15.03
C1 EDO Q . 22.35 -6.20 -18.71
O1 EDO Q . 22.57 -7.02 -19.84
C2 EDO Q . 20.95 -5.69 -18.60
O2 EDO Q . 20.37 -5.30 -19.82
C1 EDO R . 9.30 -5.87 2.03
O1 EDO R . 9.33 -6.31 0.69
C2 EDO R . 7.91 -5.69 2.56
O2 EDO R . 7.27 -4.45 2.22
C1 EDO S . 1.24 11.98 -6.51
O1 EDO S . 0.66 12.40 -7.73
C2 EDO S . 2.70 11.75 -6.69
O2 EDO S . 3.11 11.69 -8.04
C1 EDO T . 9.40 -13.42 -9.94
O1 EDO T . 8.21 -13.25 -9.19
C2 EDO T . 10.25 -12.22 -9.90
O2 EDO T . 10.47 -11.77 -8.60
C1 EDO U . 3.76 16.20 -29.16
O1 EDO U . 3.85 15.03 -29.97
C2 EDO U . 4.68 17.29 -29.60
O2 EDO U . 5.91 16.81 -30.14
C1 EDO V . -6.92 -18.18 -14.45
O1 EDO V . -7.55 -18.73 -15.59
C2 EDO V . -5.44 -18.23 -14.51
O2 EDO V . -4.80 -17.67 -13.37
O1 YTW W . 10.66 18.33 -4.34
S1 YTW W . 10.88 19.13 -5.49
O2 YTW W . 10.15 20.33 -5.63
N1 YTW W . 10.80 18.22 -6.83
C1 YTW W . 12.00 18.45 -7.63
C2 YTW W . 13.08 18.75 -6.58
O3 YTW W . 12.40 19.52 -5.58
C3 YTW W . 13.75 17.57 -5.90
C4 YTW W . 15.10 17.98 -5.34
O4 YTW W . 15.01 19.22 -4.65
C5 YTW W . 13.86 16.29 -6.75
O5 YTW W . 14.97 16.38 -7.65
C6 YTW W . 12.62 16.02 -7.56
O6 YTW W . 12.81 14.85 -8.35
C7 YTW W . 12.34 17.21 -8.46
O7 YTW W . 11.24 16.96 -9.35
C1 PEG X . 35.94 18.99 -5.89
O1 PEG X . 36.06 17.96 -6.87
C2 PEG X . 37.27 19.41 -5.34
O2 PEG X . 37.70 20.64 -5.93
C3 PEG X . 37.92 20.59 -7.34
C4 PEG X . 39.24 19.93 -7.64
O4 PEG X . 39.08 18.70 -8.34
C1 PEG Y . -1.53 -11.79 -10.03
O1 PEG Y . -2.27 -10.59 -10.12
C2 PEG Y . -2.23 -13.00 -10.61
O2 PEG Y . -1.47 -14.15 -10.34
C3 PEG Y . -1.28 -14.38 -8.94
C4 PEG Y . -0.96 -15.83 -8.65
O4 PEG Y . -0.14 -16.45 -9.64
C1 PEG Z . 14.04 20.07 2.26
O1 PEG Z . 14.44 21.37 2.66
C2 PEG Z . 14.22 19.83 0.79
O2 PEG Z . 13.36 18.77 0.37
C3 PEG Z . 12.93 17.94 1.46
C4 PEG Z . 14.14 17.47 2.20
O4 PEG Z . 13.89 16.63 3.29
C1 NAG AA . -41.03 -2.26 4.08
C2 NAG AA . -40.92 -0.98 4.90
C3 NAG AA . -42.32 -0.45 5.31
C4 NAG AA . -43.28 -0.40 4.11
C5 NAG AA . -43.30 -1.77 3.42
C6 NAG AA . -44.19 -1.84 2.18
C7 NAG AA . -38.94 -0.52 6.38
C8 NAG AA . -38.35 -0.89 7.69
N2 NAG AA . -40.08 -1.20 6.09
O3 NAG AA . -42.21 0.86 5.90
O4 NAG AA . -44.57 0.06 4.57
O5 NAG AA . -41.97 -2.10 3.00
O6 NAG AA . -43.95 -0.72 1.35
O7 NAG AA . -38.38 0.33 5.68
C ACT BA . -13.23 4.07 4.03
O ACT BA . -13.67 4.70 5.02
OXT ACT BA . -13.16 2.81 3.98
CH3 ACT BA . -12.78 4.89 2.81
C ACT CA . -26.12 -26.03 19.85
O ACT CA . -26.09 -25.20 20.78
OXT ACT CA . -25.22 -26.86 19.65
CH3 ACT CA . -27.33 -26.03 18.93
S SO4 DA . 7.51 16.02 25.24
O1 SO4 DA . 8.09 17.01 26.10
O2 SO4 DA . 6.41 15.40 25.91
O3 SO4 DA . 7.04 16.65 24.05
O4 SO4 DA . 8.49 15.04 24.93
S SO4 EA . -24.62 -2.31 29.14
O1 SO4 EA . -25.68 -2.26 30.10
O2 SO4 EA . -23.47 -1.60 29.65
O3 SO4 EA . -25.05 -1.65 27.92
O4 SO4 EA . -24.28 -3.68 28.89
S SO4 FA . -5.53 15.17 19.46
O1 SO4 FA . -5.37 16.58 19.68
O2 SO4 FA . -5.67 14.48 20.70
O3 SO4 FA . -6.71 14.95 18.66
O4 SO4 FA . -4.37 14.67 18.77
S SO4 GA . -31.54 -25.41 7.40
O1 SO4 GA . -30.74 -25.69 8.57
O2 SO4 GA . -32.89 -25.11 7.82
O3 SO4 GA . -31.55 -26.55 6.54
O4 SO4 GA . -31.00 -24.25 6.70
S SO4 HA . -3.97 10.69 0.14
O1 SO4 HA . -4.31 9.29 0.29
O2 SO4 HA . -3.74 11.28 1.44
O3 SO4 HA . -5.05 11.37 -0.50
O4 SO4 HA . -2.78 10.81 -0.66
C1 EDO IA . 16.86 9.68 28.94
O1 EDO IA . 18.12 9.18 29.25
C2 EDO IA . 16.76 11.12 29.25
O2 EDO IA . 17.05 11.94 28.15
C1 EDO JA . 15.80 15.31 23.04
O1 EDO JA . 14.80 15.23 22.03
C2 EDO JA . 16.63 14.09 23.09
O2 EDO JA . 16.63 13.39 21.86
C1 EDO KA . -6.89 -13.58 24.45
O1 EDO KA . -5.63 -12.87 24.55
C2 EDO KA . -6.98 -14.49 23.27
O2 EDO KA . -6.96 -15.88 23.59
C1 EDO LA . 6.11 -9.66 15.10
O1 EDO LA . 7.44 -9.38 14.72
C2 EDO LA . 5.23 -9.85 13.93
O2 EDO LA . 4.79 -11.17 13.78
O1 YTW MA . -21.68 -2.75 0.74
S1 YTW MA . -22.69 -2.33 1.65
O2 YTW MA . -23.43 -1.18 1.27
N1 YTW MA . -22.10 -2.18 3.17
C1 YTW MA . -22.90 -2.98 4.10
C2 YTW MA . -23.36 -4.15 3.22
O3 YTW MA . -23.59 -3.57 1.94
C3 YTW MA . -22.39 -5.32 3.07
C4 YTW MA . -23.18 -6.57 2.71
O4 YTW MA . -23.90 -6.38 1.48
C5 YTW MA . -21.47 -5.57 4.27
O5 YTW MA . -22.12 -6.27 5.32
C6 YTW MA . -20.91 -4.30 4.85
O6 YTW MA . -20.07 -4.58 5.97
C7 YTW MA . -22.05 -3.39 5.31
O7 YTW MA . -21.51 -2.21 5.91
C1 PEG NA . 2.23 -10.56 1.55
O1 PEG NA . 2.41 -10.31 2.95
C2 PEG NA . 2.74 -9.45 0.65
O2 PEG NA . 2.27 -8.17 1.07
C3 PEG NA . 3.15 -7.08 0.80
C4 PEG NA . 4.26 -6.94 1.84
O4 PEG NA . 5.08 -5.74 1.64
C1 PEG OA . 11.53 -3.25 7.83
O1 PEG OA . 12.08 -2.29 8.73
C2 PEG OA . 10.25 -2.80 7.17
O2 PEG OA . 10.04 -3.50 5.94
C3 PEG OA . 9.91 -2.64 4.80
C4 PEG OA . 11.10 -2.83 3.86
O4 PEG OA . 11.99 -1.71 3.83
#